data_8UX5
#
_entry.id   8UX5
#
_cell.length_a   162.174
_cell.length_b   162.174
_cell.length_c   124.663
_cell.angle_alpha   90.000
_cell.angle_beta   90.000
_cell.angle_gamma   120.000
#
_symmetry.space_group_name_H-M   'P 65'
#
loop_
_entity.id
_entity.type
_entity.pdbx_description
1 polymer 'Selenoxide synthase OvsA'
2 non-polymer 'FE (III) ION'
3 non-polymer 'SODIUM ION'
4 water water
#
_entity_poly.entity_id   1
_entity_poly.type   'polypeptide(L)'
_entity_poly.pdbx_seq_one_letter_code
;MGSSHHHHHHSSGLVPRGSHMNDRESLIQALHHTRDRVKDLVCSLREDQLSVPYHPGVNPPVWEMGHSTFFYEVFVLNWL
DGTPSYDPSMDDLWDSFHMDHEDRWSKTLFPSREDTLAYMDTIIQRMEDRIRNQPLTDEALYLYRYAIYHQNMHVESMTW
CRQTVGYPAPPFAEPKGLTGEGVDQDARGDATIPAGRYLIGLPANRDSDAYATEDFGFDNEKPAFEVDMPEFSISRTLVT
NGEFQKFVEEGGYERPEFWSQGGRKWLEREINLNFGSGEPPLMGRQTHPFHWRKRDGRWYERVFDQWLPLEPGHPVKQIS
YWEAEAFCAWAGRRLPSEYEWEVAALANKPGEERRRYPWGNEMDPAKLDMDQRYMGRVPVTAFPAGESPFGCRQMLGTVW
EWTGNQFMPYDGFSVDMYPFYSTLQFATHKTTKGGGCAASSMLIRGTYRNFYHPDRCDVYTGFRTCALSSQDF
;
_entity_poly.pdbx_strand_id   A,B
#
loop_
_chem_comp.id
_chem_comp.type
_chem_comp.name
_chem_comp.formula
FE non-polymer 'FE (III) ION' 'Fe 3'
NA non-polymer 'SODIUM ION' 'Na 1'
#
# COMPACT_ATOMS: atom_id res chain seq x y z
N MET A 21 -17.16 -21.08 15.46
CA MET A 21 -16.05 -22.01 15.59
C MET A 21 -15.41 -21.89 16.98
N ASN A 22 -15.62 -22.89 17.85
CA ASN A 22 -14.96 -22.97 19.15
C ASN A 22 -14.61 -24.44 19.32
N ASP A 23 -15.60 -25.30 19.20
CA ASP A 23 -15.34 -26.72 19.29
C ASP A 23 -14.22 -27.22 18.39
N ARG A 24 -13.42 -28.16 18.90
CA ARG A 24 -12.41 -28.80 18.05
C ARG A 24 -13.07 -29.47 16.85
N GLU A 25 -14.24 -30.06 17.06
CA GLU A 25 -14.97 -30.74 15.98
C GLU A 25 -15.24 -29.79 14.81
N SER A 26 -15.76 -28.61 15.10
CA SER A 26 -16.01 -27.61 14.07
C SER A 26 -14.73 -27.27 13.32
N LEU A 27 -13.62 -27.12 14.04
CA LEU A 27 -12.38 -26.82 13.37
C LEU A 27 -11.97 -27.97 12.47
N ILE A 28 -11.90 -29.17 13.05
CA ILE A 28 -11.48 -30.34 12.30
C ILE A 28 -12.37 -30.54 11.08
N GLN A 29 -13.68 -30.48 11.26
CA GLN A 29 -14.58 -30.55 10.11
C GLN A 29 -14.27 -29.45 9.09
N ALA A 30 -13.99 -28.22 9.57
CA ALA A 30 -13.67 -27.15 8.62
C ALA A 30 -12.36 -27.40 7.92
N LEU A 31 -11.39 -27.96 8.64
CA LEU A 31 -10.12 -28.32 8.03
C LEU A 31 -10.34 -29.27 6.87
N HIS A 32 -11.20 -30.27 7.08
CA HIS A 32 -11.44 -31.30 6.08
C HIS A 32 -12.18 -30.76 4.86
N HIS A 33 -13.30 -30.06 5.09
CA HIS A 33 -14.05 -29.45 3.99
C HIS A 33 -13.15 -28.62 3.08
N THR A 34 -12.24 -27.85 3.68
CA THR A 34 -11.33 -27.02 2.93
C THR A 34 -10.39 -27.87 2.06
N ARG A 35 -9.74 -28.87 2.67
CA ARG A 35 -8.82 -29.71 1.91
C ARG A 35 -9.51 -30.35 0.71
N ASP A 36 -10.74 -30.85 0.92
CA ASP A 36 -11.49 -31.41 -0.20
C ASP A 36 -11.70 -30.39 -1.31
N ARG A 37 -12.05 -29.15 -0.94
CA ARG A 37 -12.29 -28.16 -1.99
C ARG A 37 -11.06 -27.97 -2.86
N VAL A 38 -9.88 -27.90 -2.24
CA VAL A 38 -8.65 -27.69 -3.00
C VAL A 38 -8.36 -28.92 -3.84
N LYS A 39 -8.51 -30.11 -3.25
CA LYS A 39 -8.24 -31.36 -3.97
C LYS A 39 -9.18 -31.50 -5.16
N ASP A 40 -10.48 -31.26 -4.95
CA ASP A 40 -11.42 -31.26 -6.05
C ASP A 40 -11.10 -30.20 -7.10
N LEU A 41 -10.44 -29.12 -6.72
CA LEU A 41 -10.20 -28.08 -7.70
C LEU A 41 -9.04 -28.42 -8.63
N VAL A 42 -8.04 -29.15 -8.15
CA VAL A 42 -6.83 -29.43 -8.92
C VAL A 42 -6.93 -30.76 -9.65
N CYS A 43 -7.40 -31.81 -8.98
CA CYS A 43 -7.46 -33.13 -9.60
C CYS A 43 -8.54 -33.25 -10.67
N SER A 44 -9.60 -32.45 -10.61
CA SER A 44 -10.62 -32.44 -11.65
C SER A 44 -10.13 -31.81 -12.95
N LEU A 45 -8.88 -31.39 -13.00
CA LEU A 45 -8.28 -30.76 -14.16
C LEU A 45 -7.36 -31.76 -14.86
N ARG A 46 -7.17 -31.58 -16.16
CA ARG A 46 -6.23 -32.42 -16.87
C ARG A 46 -4.84 -31.79 -16.86
N GLU A 47 -3.83 -32.64 -17.03
CA GLU A 47 -2.46 -32.15 -17.04
C GLU A 47 -2.28 -30.99 -18.00
N ASP A 48 -2.87 -31.06 -19.19
CA ASP A 48 -2.75 -29.94 -20.12
C ASP A 48 -3.43 -28.67 -19.61
N GLN A 49 -4.28 -28.78 -18.58
CA GLN A 49 -4.97 -27.62 -18.05
C GLN A 49 -4.31 -27.05 -16.80
N LEU A 50 -3.38 -27.81 -16.21
CA LEU A 50 -2.74 -27.36 -14.98
C LEU A 50 -1.97 -26.06 -15.19
N SER A 51 -1.45 -25.84 -16.38
CA SER A 51 -0.86 -24.54 -16.74
C SER A 51 -1.95 -23.64 -17.30
N VAL A 52 -2.35 -22.64 -16.52
CA VAL A 52 -3.48 -21.80 -16.90
C VAL A 52 -2.97 -20.66 -17.78
N PRO A 53 -3.80 -20.14 -18.68
CA PRO A 53 -3.38 -18.97 -19.48
C PRO A 53 -3.04 -17.81 -18.57
N TYR A 54 -1.99 -17.06 -18.91
CA TYR A 54 -1.58 -15.97 -18.03
C TYR A 54 -2.64 -14.88 -18.00
N HIS A 55 -2.93 -14.37 -16.78
CA HIS A 55 -3.89 -13.27 -16.58
C HIS A 55 -3.49 -12.61 -15.27
N PRO A 56 -3.52 -11.28 -15.17
CA PRO A 56 -2.99 -10.63 -13.96
C PRO A 56 -3.76 -10.96 -12.68
N GLY A 57 -4.98 -11.49 -12.79
CA GLY A 57 -5.79 -11.80 -11.62
C GLY A 57 -5.95 -13.26 -11.29
N VAL A 58 -5.23 -14.16 -11.98
CA VAL A 58 -5.32 -15.58 -11.71
C VAL A 58 -3.93 -16.08 -11.36
N ASN A 59 -3.88 -17.23 -10.69
CA ASN A 59 -2.64 -17.85 -10.30
C ASN A 59 -2.69 -19.32 -10.68
N PRO A 60 -1.55 -19.97 -10.82
CA PRO A 60 -1.52 -21.42 -11.12
C PRO A 60 -2.14 -22.23 -9.98
N PRO A 61 -3.06 -23.15 -10.30
CA PRO A 61 -3.78 -23.86 -9.22
C PRO A 61 -2.87 -24.67 -8.30
N VAL A 62 -1.81 -25.28 -8.79
CA VAL A 62 -1.00 -26.06 -7.87
C VAL A 62 -0.23 -25.16 -6.92
N TRP A 63 0.14 -23.96 -7.37
CA TRP A 63 0.83 -23.01 -6.49
C TRP A 63 -0.09 -22.63 -5.33
N GLU A 64 -1.36 -22.35 -5.65
CA GLU A 64 -2.30 -21.94 -4.60
C GLU A 64 -2.46 -23.05 -3.55
N MET A 65 -2.45 -24.32 -3.98
CA MET A 65 -2.42 -25.41 -3.03
C MET A 65 -1.18 -25.34 -2.13
N GLY A 66 0.00 -25.15 -2.73
CA GLY A 66 1.22 -25.10 -1.94
C GLY A 66 1.26 -23.89 -1.02
N HIS A 67 1.00 -22.70 -1.59
CA HIS A 67 1.04 -21.45 -0.83
C HIS A 67 0.06 -21.47 0.35
N SER A 68 -1.17 -21.96 0.12
CA SER A 68 -2.17 -22.02 1.18
C SER A 68 -1.83 -23.05 2.27
N THR A 69 -1.10 -24.10 1.94
CA THR A 69 -0.59 -25.03 2.94
C THR A 69 0.61 -24.48 3.70
N PHE A 70 1.48 -23.73 3.01
CA PHE A 70 2.63 -23.16 3.70
C PHE A 70 2.19 -22.27 4.87
N PHE A 71 1.10 -21.51 4.68
CA PHE A 71 0.60 -20.65 5.75
C PHE A 71 0.44 -21.41 7.08
N TYR A 72 -0.05 -22.65 7.02
CA TYR A 72 -0.19 -23.46 8.24
C TYR A 72 1.18 -23.68 8.88
N GLU A 73 2.17 -24.03 8.05
CA GLU A 73 3.49 -24.32 8.57
C GLU A 73 4.12 -23.10 9.21
N VAL A 74 3.78 -21.92 8.71
CA VAL A 74 4.42 -20.69 9.15
C VAL A 74 3.72 -20.16 10.39
N PHE A 75 2.43 -19.91 10.27
CA PHE A 75 1.70 -19.20 11.31
C PHE A 75 0.93 -20.11 12.24
N VAL A 76 1.21 -21.41 12.23
CA VAL A 76 0.63 -22.29 13.24
C VAL A 76 1.67 -23.25 13.79
N LEU A 77 2.30 -24.02 12.89
CA LEU A 77 3.16 -25.12 13.34
C LEU A 77 4.50 -24.60 13.85
N ASN A 78 5.24 -23.92 12.99
CA ASN A 78 6.48 -23.30 13.44
C ASN A 78 6.22 -22.23 14.49
N TRP A 79 5.16 -21.43 14.30
CA TRP A 79 4.85 -20.35 15.24
C TRP A 79 4.80 -20.82 16.69
N LEU A 80 4.09 -21.91 16.95
CA LEU A 80 3.81 -22.35 18.31
C LEU A 80 4.77 -23.41 18.83
N ASP A 81 5.36 -24.22 17.95
CA ASP A 81 6.20 -25.32 18.38
C ASP A 81 7.65 -25.24 17.88
N GLY A 82 7.94 -24.47 16.84
CA GLY A 82 9.28 -24.40 16.31
C GLY A 82 9.62 -25.48 15.30
N THR A 83 8.65 -26.29 14.91
CA THR A 83 8.83 -27.36 13.94
C THR A 83 9.47 -26.83 12.66
N PRO A 84 10.32 -27.60 12.01
CA PRO A 84 10.88 -27.20 10.73
C PRO A 84 9.87 -27.43 9.61
N SER A 85 10.23 -26.97 8.43
CA SER A 85 9.37 -27.07 7.27
C SER A 85 9.56 -28.41 6.56
N TYR A 86 8.45 -28.92 6.03
CA TYR A 86 8.46 -30.10 5.17
C TYR A 86 9.68 -30.13 4.28
N ASP A 87 9.86 -29.05 3.51
CA ASP A 87 10.97 -28.90 2.59
C ASP A 87 11.48 -27.48 2.67
N PRO A 88 12.50 -27.22 3.47
CA PRO A 88 12.97 -25.84 3.66
C PRO A 88 13.37 -25.17 2.38
N SER A 89 13.66 -25.92 1.31
CA SER A 89 14.06 -25.28 0.07
C SER A 89 12.93 -24.44 -0.51
N MET A 90 11.68 -24.84 -0.28
CA MET A 90 10.54 -24.13 -0.86
C MET A 90 10.04 -22.97 0.01
N ASP A 91 10.72 -22.68 1.11
CA ASP A 91 10.26 -21.64 2.02
C ASP A 91 10.24 -20.25 1.39
N ASP A 92 10.88 -20.06 0.24
CA ASP A 92 10.88 -18.75 -0.39
C ASP A 92 10.03 -18.73 -1.65
N LEU A 93 9.66 -19.91 -2.15
CA LEU A 93 8.88 -20.04 -3.37
C LEU A 93 7.39 -20.10 -3.09
N TRP A 94 7.01 -20.45 -1.87
CA TRP A 94 5.61 -20.39 -1.47
C TRP A 94 5.22 -19.02 -0.91
N ASP A 95 6.18 -18.23 -0.44
CA ASP A 95 5.86 -16.93 0.14
C ASP A 95 5.28 -16.01 -0.94
N SER A 96 4.18 -15.31 -0.60
CA SER A 96 3.51 -14.45 -1.58
C SER A 96 4.22 -13.09 -1.76
N PHE A 97 4.81 -12.55 -0.68
CA PHE A 97 5.57 -11.30 -0.77
C PHE A 97 6.83 -11.45 -1.61
N HIS A 98 7.45 -12.63 -1.61
CA HIS A 98 8.70 -12.81 -2.33
C HIS A 98 8.44 -13.30 -3.75
N MET A 99 7.88 -14.50 -3.88
CA MET A 99 7.58 -15.06 -5.19
C MET A 99 6.67 -14.10 -5.99
N ASP A 100 7.20 -13.54 -7.09
CA ASP A 100 6.45 -12.59 -7.90
C ASP A 100 5.50 -13.36 -8.78
N HIS A 101 4.54 -12.63 -9.34
CA HIS A 101 3.48 -13.26 -10.10
C HIS A 101 4.01 -14.04 -11.29
N GLU A 102 4.79 -13.38 -12.17
CA GLU A 102 5.08 -13.96 -13.49
C GLU A 102 5.90 -15.23 -13.36
N ASP A 103 6.87 -15.24 -12.44
CA ASP A 103 7.72 -16.43 -12.32
C ASP A 103 7.02 -17.56 -11.56
N ARG A 104 5.74 -17.40 -11.19
CA ARG A 104 4.99 -18.50 -10.59
C ARG A 104 4.60 -19.57 -11.59
N TRP A 105 4.64 -19.28 -12.89
CA TRP A 105 4.20 -20.24 -13.90
C TRP A 105 5.31 -21.22 -14.29
N SER A 106 6.36 -21.35 -13.46
CA SER A 106 7.49 -22.21 -13.79
C SER A 106 7.09 -23.67 -13.65
N LYS A 107 7.76 -24.53 -14.43
CA LYS A 107 7.56 -25.97 -14.36
C LYS A 107 8.80 -26.69 -13.81
N THR A 108 9.87 -25.96 -13.52
CA THR A 108 11.08 -26.52 -12.96
C THR A 108 11.33 -26.09 -11.52
N LEU A 109 10.67 -25.02 -11.06
CA LEU A 109 10.88 -24.51 -9.71
C LEU A 109 9.99 -25.19 -8.68
N PHE A 110 8.81 -25.65 -9.09
CA PHE A 110 7.79 -26.10 -8.17
C PHE A 110 7.54 -27.59 -8.35
N PRO A 111 7.07 -28.28 -7.30
CA PRO A 111 6.80 -29.72 -7.40
C PRO A 111 5.60 -30.06 -8.24
N SER A 112 5.32 -31.35 -8.37
CA SER A 112 4.21 -31.79 -9.20
C SER A 112 2.92 -31.81 -8.41
N ARG A 113 1.81 -31.92 -9.14
CA ARG A 113 0.52 -32.09 -8.50
C ARG A 113 0.57 -33.20 -7.47
N GLU A 114 1.26 -34.30 -7.80
CA GLU A 114 1.31 -35.46 -6.91
C GLU A 114 1.99 -35.11 -5.59
N ASP A 115 3.18 -34.55 -5.67
CA ASP A 115 3.92 -34.19 -4.46
C ASP A 115 3.22 -33.10 -3.68
N THR A 116 2.80 -32.03 -4.36
CA THR A 116 2.10 -30.95 -3.66
C THR A 116 0.88 -31.46 -2.92
N LEU A 117 0.11 -32.37 -3.52
CA LEU A 117 -1.03 -32.96 -2.81
C LEU A 117 -0.59 -33.70 -1.56
N ALA A 118 0.53 -34.42 -1.65
CA ALA A 118 1.02 -35.14 -0.49
C ALA A 118 1.41 -34.15 0.61
N TYR A 119 2.10 -33.07 0.23
CA TYR A 119 2.44 -32.00 1.17
C TYR A 119 1.21 -31.56 1.95
N MET A 120 0.13 -31.22 1.23
CA MET A 120 -1.11 -30.79 1.86
C MET A 120 -1.62 -31.82 2.87
N ASP A 121 -1.88 -33.05 2.41
CA ASP A 121 -2.37 -34.11 3.31
C ASP A 121 -1.52 -34.29 4.56
N THR A 122 -0.20 -34.17 4.43
CA THR A 122 0.68 -34.22 5.59
C THR A 122 0.37 -33.10 6.58
N ILE A 123 0.48 -31.85 6.10
CA ILE A 123 0.27 -30.69 6.97
C ILE A 123 -1.15 -30.70 7.55
N ILE A 124 -2.13 -31.09 6.74
CA ILE A 124 -3.50 -31.19 7.25
C ILE A 124 -3.56 -32.14 8.45
N GLN A 125 -2.94 -33.32 8.31
CA GLN A 125 -2.91 -34.24 9.44
C GLN A 125 -2.16 -33.62 10.61
N ARG A 126 -0.98 -33.05 10.35
CA ARG A 126 -0.23 -32.38 11.41
C ARG A 126 -1.06 -31.34 12.13
N MET A 127 -1.90 -30.61 11.37
CA MET A 127 -2.82 -29.65 11.98
C MET A 127 -3.85 -30.36 12.85
N GLU A 128 -4.46 -31.40 12.32
CA GLU A 128 -5.44 -32.16 13.09
C GLU A 128 -4.83 -32.73 14.36
N ASP A 129 -3.60 -33.23 14.28
CA ASP A 129 -2.99 -33.80 15.48
C ASP A 129 -2.79 -32.77 16.57
N ARG A 130 -2.38 -31.55 16.21
CA ARG A 130 -2.18 -30.51 17.22
C ARG A 130 -3.51 -30.06 17.83
N ILE A 131 -4.49 -29.77 16.97
CA ILE A 131 -5.83 -29.39 17.45
C ILE A 131 -6.35 -30.39 18.47
N ARG A 132 -6.01 -31.67 18.30
CA ARG A 132 -6.51 -32.70 19.21
C ARG A 132 -5.61 -32.94 20.42
N ASN A 133 -4.30 -32.95 20.23
CA ASN A 133 -3.37 -33.37 21.27
C ASN A 133 -2.64 -32.21 21.93
N GLN A 134 -3.10 -30.98 21.73
CA GLN A 134 -2.44 -29.86 22.38
C GLN A 134 -3.52 -28.93 22.91
N PRO A 135 -3.25 -28.27 24.04
CA PRO A 135 -4.25 -27.39 24.68
C PRO A 135 -4.94 -26.46 23.70
N LEU A 136 -6.21 -26.17 23.97
CA LEU A 136 -6.94 -25.19 23.17
C LEU A 136 -6.76 -23.77 23.68
N THR A 137 -5.52 -23.32 23.80
CA THR A 137 -5.25 -21.95 24.19
C THR A 137 -5.91 -20.99 23.20
N ASP A 138 -6.35 -19.85 23.72
CA ASP A 138 -6.94 -18.83 22.85
C ASP A 138 -5.97 -18.45 21.73
N GLU A 139 -4.67 -18.48 22.01
CA GLU A 139 -3.65 -18.24 20.99
C GLU A 139 -3.73 -19.27 19.86
N ALA A 140 -3.71 -20.55 20.22
CA ALA A 140 -3.90 -21.60 19.23
C ALA A 140 -5.19 -21.40 18.43
N LEU A 141 -6.31 -21.25 19.13
CA LEU A 141 -7.61 -21.07 18.47
C LEU A 141 -7.56 -19.98 17.41
N TYR A 142 -7.14 -18.77 17.82
CA TYR A 142 -6.91 -17.65 16.89
C TYR A 142 -6.10 -18.06 15.66
N LEU A 143 -4.90 -18.61 15.88
CA LEU A 143 -4.07 -19.02 14.76
C LEU A 143 -4.74 -20.13 13.94
N TYR A 144 -5.38 -21.10 14.62
CA TYR A 144 -6.08 -22.18 13.92
C TYR A 144 -7.10 -21.62 12.94
N ARG A 145 -7.90 -20.66 13.40
CA ARG A 145 -8.95 -20.10 12.57
C ARG A 145 -8.39 -19.19 11.46
N TYR A 146 -7.36 -18.42 11.78
CA TYR A 146 -6.74 -17.56 10.77
C TYR A 146 -6.26 -18.39 9.60
N ALA A 147 -5.50 -19.45 9.87
CA ALA A 147 -4.83 -20.17 8.81
C ALA A 147 -5.84 -20.86 7.91
N ILE A 148 -6.81 -21.54 8.52
CA ILE A 148 -7.91 -22.15 7.77
C ILE A 148 -8.59 -21.13 6.86
N TYR A 149 -9.04 -20.00 7.44
CA TYR A 149 -9.73 -18.99 6.63
C TYR A 149 -8.87 -18.54 5.46
N HIS A 150 -7.54 -18.53 5.64
CA HIS A 150 -6.67 -18.09 4.55
C HIS A 150 -6.78 -19.04 3.38
N GLN A 151 -6.78 -20.35 3.66
CA GLN A 151 -6.94 -21.33 2.59
C GLN A 151 -8.26 -21.15 1.86
N ASN A 152 -9.34 -20.92 2.60
CA ASN A 152 -10.61 -20.60 1.97
C ASN A 152 -10.50 -19.38 1.09
N MET A 153 -9.65 -18.41 1.44
CA MET A 153 -9.50 -17.25 0.56
C MET A 153 -8.94 -17.68 -0.79
N HIS A 154 -8.06 -18.68 -0.77
CA HIS A 154 -7.52 -19.24 -2.00
C HIS A 154 -8.47 -20.23 -2.65
N VAL A 155 -9.46 -20.75 -1.92
CA VAL A 155 -10.47 -21.56 -2.60
C VAL A 155 -11.30 -20.69 -3.53
N GLU A 156 -11.68 -19.48 -3.07
CA GLU A 156 -12.36 -18.49 -3.92
C GLU A 156 -11.54 -18.09 -5.14
N SER A 157 -10.28 -17.69 -4.92
CA SER A 157 -9.45 -17.30 -6.05
C SER A 157 -9.36 -18.43 -7.09
N MET A 158 -9.21 -19.68 -6.64
CA MET A 158 -9.09 -20.80 -7.58
C MET A 158 -10.37 -20.98 -8.36
N THR A 159 -11.50 -20.74 -7.71
CA THR A 159 -12.79 -20.88 -8.38
C THR A 159 -12.99 -19.79 -9.45
N TRP A 160 -12.63 -18.54 -9.17
CA TRP A 160 -12.83 -17.57 -10.25
C TRP A 160 -11.74 -17.65 -11.30
N CYS A 161 -10.63 -18.31 -11.00
CA CYS A 161 -9.64 -18.52 -12.03
C CYS A 161 -10.25 -19.31 -13.19
N ARG A 162 -11.13 -20.27 -12.87
CA ARG A 162 -11.79 -21.08 -13.88
C ARG A 162 -12.66 -20.21 -14.78
N GLN A 163 -13.44 -19.33 -14.15
CA GLN A 163 -14.26 -18.42 -14.93
C GLN A 163 -13.41 -17.52 -15.83
N THR A 164 -12.32 -16.96 -15.29
CA THR A 164 -11.47 -16.09 -16.09
C THR A 164 -10.90 -16.81 -17.30
N VAL A 165 -10.22 -17.93 -17.07
CA VAL A 165 -9.58 -18.63 -18.18
C VAL A 165 -10.55 -19.42 -19.03
N GLY A 166 -11.80 -19.57 -18.60
CA GLY A 166 -12.79 -20.31 -19.37
C GLY A 166 -12.81 -21.81 -19.16
N TYR A 167 -12.24 -22.30 -18.07
CA TYR A 167 -12.22 -23.73 -17.78
C TYR A 167 -13.63 -24.20 -17.40
N PRO A 168 -13.85 -25.51 -17.30
CA PRO A 168 -15.16 -25.99 -16.80
C PRO A 168 -15.40 -25.52 -15.36
N ALA A 169 -16.67 -25.52 -14.96
CA ALA A 169 -17.02 -25.16 -13.58
C ALA A 169 -16.53 -26.21 -12.57
N PRO A 170 -16.36 -25.84 -11.31
CA PRO A 170 -15.87 -26.79 -10.30
C PRO A 170 -16.86 -27.92 -10.10
N PRO A 171 -16.35 -29.13 -9.82
CA PRO A 171 -17.28 -30.26 -9.62
C PRO A 171 -18.30 -30.03 -8.53
N PHE A 172 -17.95 -29.30 -7.48
CA PHE A 172 -18.84 -29.12 -6.34
C PHE A 172 -19.85 -27.99 -6.54
N ALA A 173 -19.97 -27.45 -7.75
CA ALA A 173 -20.75 -26.25 -7.98
C ALA A 173 -22.05 -26.56 -8.70
N GLU A 174 -23.05 -25.70 -8.48
CA GLU A 174 -24.33 -25.75 -9.19
C GLU A 174 -24.53 -24.43 -9.92
N PRO A 175 -23.66 -24.11 -10.88
CA PRO A 175 -23.70 -22.77 -11.50
C PRO A 175 -25.03 -22.40 -12.14
N LYS A 176 -25.86 -23.38 -12.51
CA LYS A 176 -27.12 -23.06 -13.17
C LYS A 176 -27.95 -22.08 -12.36
N GLY A 177 -27.93 -22.26 -11.05
CA GLY A 177 -28.52 -21.32 -10.09
C GLY A 177 -29.65 -21.92 -9.29
N LEU A 178 -30.45 -21.04 -8.71
CA LEU A 178 -31.67 -21.41 -7.97
C LEU A 178 -32.82 -21.50 -8.96
N THR A 179 -33.21 -22.73 -9.28
CA THR A 179 -34.36 -22.94 -10.20
C THR A 179 -35.63 -23.10 -9.37
N GLY A 180 -36.75 -22.60 -9.87
CA GLY A 180 -38.03 -22.74 -9.14
C GLY A 180 -38.31 -21.53 -8.27
N GLU A 181 -37.36 -21.19 -7.39
CA GLU A 181 -37.52 -19.99 -6.54
C GLU A 181 -37.92 -18.82 -7.42
N GLY A 182 -37.28 -18.69 -8.60
CA GLY A 182 -37.60 -17.60 -9.53
C GLY A 182 -38.98 -17.04 -9.29
N VAL A 183 -39.08 -15.97 -8.49
CA VAL A 183 -40.41 -15.37 -8.17
C VAL A 183 -40.18 -14.01 -7.50
N ASP A 184 -39.39 -13.15 -8.13
CA ASP A 184 -39.14 -11.79 -7.58
C ASP A 184 -40.46 -11.25 -7.04
N GLN A 185 -40.56 -11.04 -5.73
CA GLN A 185 -41.85 -10.60 -5.13
C GLN A 185 -41.93 -9.07 -5.10
N ASP A 186 -42.58 -8.52 -4.08
CA ASP A 186 -42.75 -7.04 -3.98
C ASP A 186 -41.83 -6.50 -2.88
N ALA A 187 -40.96 -7.35 -2.32
CA ALA A 187 -40.01 -6.90 -1.30
C ALA A 187 -39.15 -5.75 -1.80
N ARG A 188 -39.03 -5.61 -3.12
CA ARG A 188 -38.32 -4.50 -3.74
C ARG A 188 -38.80 -3.14 -3.22
N GLY A 189 -37.85 -2.31 -2.81
CA GLY A 189 -38.15 -1.00 -2.25
C GLY A 189 -36.96 -0.49 -1.47
N ASP A 190 -37.13 0.69 -0.89
CA ASP A 190 -36.09 1.32 -0.09
C ASP A 190 -36.44 1.20 1.39
N ALA A 191 -35.42 1.38 2.23
CA ALA A 191 -35.57 1.31 3.68
C ALA A 191 -34.94 2.55 4.27
N THR A 192 -35.75 3.40 4.91
CA THR A 192 -35.25 4.60 5.54
C THR A 192 -34.66 4.22 6.89
N ILE A 193 -33.34 4.29 7.00
CA ILE A 193 -32.64 3.99 8.24
C ILE A 193 -32.75 5.22 9.13
N PRO A 194 -33.27 5.07 10.35
CA PRO A 194 -33.40 6.22 11.25
C PRO A 194 -32.02 6.75 11.60
N ALA A 195 -31.89 8.08 11.66
CA ALA A 195 -30.65 8.67 12.14
C ALA A 195 -30.43 8.36 13.62
N GLY A 196 -29.17 8.49 14.05
CA GLY A 196 -28.78 8.15 15.41
C GLY A 196 -27.34 7.67 15.46
N ARG A 197 -26.95 7.19 16.64
CA ARG A 197 -25.59 6.73 16.90
C ARG A 197 -25.53 5.20 16.85
N TYR A 198 -24.63 4.69 16.02
CA TYR A 198 -24.52 3.26 15.76
C TYR A 198 -23.07 2.83 15.92
N LEU A 199 -22.90 1.52 16.13
CA LEU A 199 -21.61 0.90 16.42
C LEU A 199 -21.05 0.23 15.18
N ILE A 200 -19.81 0.58 14.83
CA ILE A 200 -19.14 0.06 13.64
C ILE A 200 -17.84 -0.60 14.04
N GLY A 201 -17.72 -1.87 13.77
CA GLY A 201 -16.47 -2.57 13.91
C GLY A 201 -16.49 -3.54 15.08
N LEU A 202 -15.34 -4.15 15.29
CA LEU A 202 -15.11 -5.14 16.34
C LEU A 202 -14.12 -4.60 17.40
N PRO A 203 -14.18 -5.12 18.62
CA PRO A 203 -13.19 -4.74 19.63
C PRO A 203 -11.78 -5.09 19.18
N ALA A 204 -10.83 -4.39 19.76
CA ALA A 204 -9.43 -4.70 19.54
C ALA A 204 -9.05 -5.91 20.36
N ASN A 205 -8.09 -6.69 19.82
CA ASN A 205 -7.75 -7.95 20.44
C ASN A 205 -7.23 -7.75 21.87
N ARG A 206 -6.53 -6.65 22.13
CA ARG A 206 -5.95 -6.46 23.46
C ARG A 206 -7.01 -6.13 24.50
N ASP A 207 -8.20 -5.69 24.08
CA ASP A 207 -9.25 -5.25 24.97
C ASP A 207 -10.32 -6.30 25.22
N SER A 208 -10.32 -7.39 24.47
CA SER A 208 -11.31 -8.45 24.63
C SER A 208 -10.63 -9.76 25.01
N ASP A 209 -11.31 -10.51 25.87
CA ASP A 209 -10.92 -11.89 26.16
C ASP A 209 -11.57 -12.90 25.23
N ALA A 210 -12.48 -12.45 24.35
CA ALA A 210 -13.03 -13.25 23.26
C ALA A 210 -12.38 -12.95 21.93
N TYR A 211 -11.15 -12.45 21.93
CA TYR A 211 -10.52 -12.10 20.67
C TYR A 211 -10.40 -13.31 19.74
N ALA A 212 -10.38 -14.51 20.31
CA ALA A 212 -10.26 -15.76 19.56
C ALA A 212 -11.61 -16.43 19.33
N THR A 213 -12.69 -15.87 19.85
CA THR A 213 -13.98 -16.53 19.77
C THR A 213 -15.14 -15.68 19.26
N GLU A 214 -15.71 -14.84 20.14
CA GLU A 214 -16.92 -14.11 19.79
C GLU A 214 -16.47 -12.75 19.24
N ASP A 215 -15.21 -12.36 19.46
CA ASP A 215 -14.71 -11.09 18.93
C ASP A 215 -13.59 -11.29 17.91
N PHE A 216 -13.57 -12.44 17.24
CA PHE A 216 -12.56 -12.71 16.23
C PHE A 216 -12.76 -11.87 14.97
N GLY A 217 -11.67 -11.30 14.46
CA GLY A 217 -11.70 -10.52 13.24
C GLY A 217 -10.32 -10.10 12.82
N PHE A 218 -10.19 -9.74 11.54
CA PHE A 218 -8.89 -9.29 11.03
C PHE A 218 -8.62 -7.85 11.43
N ASP A 219 -7.42 -7.39 11.13
CA ASP A 219 -7.05 -6.06 11.60
C ASP A 219 -7.95 -4.99 10.97
N ASN A 220 -8.46 -5.23 9.75
CA ASN A 220 -9.21 -4.18 9.05
C ASN A 220 -10.51 -3.85 9.77
N GLU A 221 -11.04 -4.79 10.57
CA GLU A 221 -12.30 -4.63 11.29
C GLU A 221 -12.14 -3.99 12.66
N LYS A 222 -10.91 -3.72 13.08
CA LYS A 222 -10.68 -3.24 14.43
C LYS A 222 -9.85 -1.95 14.38
N PRO A 223 -9.96 -1.09 15.39
CA PRO A 223 -10.80 -1.11 16.60
C PRO A 223 -12.18 -0.51 16.41
N ALA A 224 -13.17 -0.93 17.21
CA ALA A 224 -14.53 -0.46 17.04
C ALA A 224 -14.63 1.04 17.33
N PHE A 225 -15.76 1.62 16.92
CA PHE A 225 -16.01 3.04 17.12
C PHE A 225 -17.51 3.29 16.95
N GLU A 226 -17.94 4.45 17.42
CA GLU A 226 -19.33 4.86 17.27
C GLU A 226 -19.42 6.00 16.27
N VAL A 227 -20.53 6.05 15.55
CA VAL A 227 -20.73 7.06 14.52
C VAL A 227 -22.14 7.62 14.64
N ASP A 228 -22.25 8.95 14.54
CA ASP A 228 -23.54 9.62 14.47
C ASP A 228 -23.96 9.67 13.01
N MET A 229 -24.83 8.76 12.60
CA MET A 229 -25.17 8.60 11.20
C MET A 229 -26.45 9.36 10.84
N PRO A 230 -26.43 10.19 9.79
CA PRO A 230 -27.68 10.77 9.29
C PRO A 230 -28.57 9.72 8.67
N GLU A 231 -29.87 9.99 8.72
CA GLU A 231 -30.84 9.09 8.13
C GLU A 231 -30.59 8.95 6.62
N PHE A 232 -30.82 7.74 6.10
CA PHE A 232 -30.63 7.42 4.69
C PHE A 232 -31.53 6.25 4.31
N SER A 233 -31.67 6.04 2.99
CA SER A 233 -32.55 5.02 2.42
C SER A 233 -31.80 4.20 1.37
N ILE A 234 -31.67 2.89 1.62
CA ILE A 234 -30.92 1.99 0.75
C ILE A 234 -31.87 0.96 0.16
N SER A 235 -31.59 0.54 -1.07
CA SER A 235 -32.48 -0.41 -1.75
C SER A 235 -32.47 -1.76 -1.03
N ARG A 236 -33.64 -2.30 -0.77
CA ARG A 236 -33.68 -3.59 -0.10
C ARG A 236 -33.19 -4.71 -1.00
N THR A 237 -33.04 -4.45 -2.29
CA THR A 237 -32.59 -5.43 -3.26
C THR A 237 -31.31 -4.96 -3.94
N LEU A 238 -30.62 -5.90 -4.56
CA LEU A 238 -29.47 -5.56 -5.40
C LEU A 238 -29.95 -5.11 -6.77
N VAL A 239 -29.07 -4.43 -7.50
CA VAL A 239 -29.40 -4.09 -8.88
C VAL A 239 -29.39 -5.36 -9.72
N THR A 240 -30.41 -5.51 -10.56
CA THR A 240 -30.60 -6.72 -11.35
C THR A 240 -30.13 -6.51 -12.79
N ASN A 241 -29.94 -7.63 -13.52
CA ASN A 241 -29.52 -7.53 -14.92
C ASN A 241 -30.48 -6.66 -15.71
N GLY A 242 -31.79 -6.88 -15.51
CA GLY A 242 -32.79 -6.13 -16.25
C GLY A 242 -32.63 -4.63 -16.14
N GLU A 243 -32.42 -4.13 -14.92
CA GLU A 243 -32.19 -2.70 -14.73
C GLU A 243 -30.92 -2.25 -15.45
N PHE A 244 -29.82 -2.99 -15.28
CA PHE A 244 -28.59 -2.62 -15.98
C PHE A 244 -28.75 -2.68 -17.49
N GLN A 245 -29.64 -3.54 -17.99
CA GLN A 245 -29.85 -3.62 -19.44
C GLN A 245 -30.31 -2.28 -20.00
N LYS A 246 -31.25 -1.64 -19.31
CA LYS A 246 -31.76 -0.33 -19.76
C LYS A 246 -30.65 0.70 -19.86
N PHE A 247 -29.79 0.76 -18.84
CA PHE A 247 -28.62 1.64 -18.86
C PHE A 247 -27.74 1.38 -20.08
N VAL A 248 -27.48 0.10 -20.36
CA VAL A 248 -26.71 -0.24 -21.55
C VAL A 248 -27.44 0.22 -22.81
N GLU A 249 -28.73 -0.14 -22.92
CA GLU A 249 -29.54 0.20 -24.10
C GLU A 249 -29.67 1.71 -24.31
N GLU A 250 -29.82 2.48 -23.24
CA GLU A 250 -29.88 3.93 -23.36
C GLU A 250 -28.54 4.56 -23.81
N GLY A 251 -27.49 3.75 -24.03
CA GLY A 251 -26.22 4.28 -24.49
C GLY A 251 -25.31 4.69 -23.37
N GLY A 252 -25.39 4.02 -22.22
CA GLY A 252 -24.61 4.44 -21.06
C GLY A 252 -23.12 4.40 -21.30
N TYR A 253 -22.63 3.32 -21.89
CA TYR A 253 -21.21 3.19 -22.19
C TYR A 253 -20.73 4.14 -23.28
N GLU A 254 -21.62 4.91 -23.91
CA GLU A 254 -21.23 5.86 -24.94
C GLU A 254 -21.56 7.32 -24.58
N ARG A 255 -22.26 7.57 -23.47
CA ARG A 255 -22.55 8.91 -22.99
C ARG A 255 -21.60 9.28 -21.84
N PRO A 256 -20.46 9.90 -22.13
CA PRO A 256 -19.44 10.13 -21.08
C PRO A 256 -19.93 11.00 -19.94
N GLU A 257 -21.12 11.58 -20.04
CA GLU A 257 -21.68 12.40 -18.98
C GLU A 257 -21.76 11.62 -17.66
N PHE A 258 -22.07 10.33 -17.75
CA PHE A 258 -22.29 9.51 -16.56
C PHE A 258 -21.01 8.99 -15.92
N TRP A 259 -19.90 8.98 -16.66
CA TRP A 259 -18.66 8.40 -16.19
C TRP A 259 -17.75 9.47 -15.60
N SER A 260 -16.98 9.07 -14.61
CA SER A 260 -16.02 9.93 -13.95
C SER A 260 -14.71 9.93 -14.71
N GLN A 261 -13.70 10.56 -14.11
CA GLN A 261 -12.39 10.70 -14.75
C GLN A 261 -11.71 9.34 -14.92
N GLY A 262 -11.62 8.58 -13.83
CA GLY A 262 -11.15 7.20 -13.95
C GLY A 262 -12.07 6.36 -14.82
N GLY A 263 -13.38 6.55 -14.68
CA GLY A 263 -14.31 5.81 -15.51
C GLY A 263 -14.08 6.05 -16.99
N ARG A 264 -14.07 7.32 -17.41
CA ARG A 264 -13.77 7.65 -18.79
C ARG A 264 -12.49 6.96 -19.26
N LYS A 265 -11.43 6.99 -18.44
CA LYS A 265 -10.17 6.37 -18.84
C LYS A 265 -10.33 4.87 -18.97
N TRP A 266 -10.92 4.24 -17.95
CA TRP A 266 -11.24 2.82 -18.00
C TRP A 266 -11.96 2.47 -19.30
N LEU A 267 -12.95 3.29 -19.66
CA LEU A 267 -13.76 3.03 -20.85
C LEU A 267 -12.95 3.06 -22.14
N GLU A 268 -11.92 3.90 -22.20
CA GLU A 268 -11.06 4.07 -23.38
C GLU A 268 -9.83 3.18 -23.33
N ARG A 269 -10.00 1.91 -23.01
CA ARG A 269 -8.87 0.97 -22.99
C ARG A 269 -9.16 -0.18 -23.94
N GLU A 270 -8.12 -0.65 -24.63
CA GLU A 270 -8.26 -1.74 -25.60
C GLU A 270 -7.88 -3.07 -24.94
N ILE A 271 -8.81 -4.03 -25.00
CA ILE A 271 -8.67 -5.32 -24.31
C ILE A 271 -9.11 -6.45 -25.23
N ASN A 272 -8.57 -7.65 -25.00
CA ASN A 272 -9.10 -8.82 -25.70
C ASN A 272 -10.49 -9.16 -25.15
N LEU A 273 -11.53 -8.72 -25.87
CA LEU A 273 -12.91 -8.96 -25.42
C LEU A 273 -13.31 -10.43 -25.48
N ASN A 274 -12.43 -11.30 -25.97
CA ASN A 274 -12.68 -12.71 -26.14
C ASN A 274 -11.82 -13.56 -25.20
N PHE A 275 -11.45 -13.02 -24.03
CA PHE A 275 -10.62 -13.78 -23.10
C PHE A 275 -11.45 -14.80 -22.35
N GLY A 276 -10.94 -16.03 -22.27
CA GLY A 276 -11.67 -17.11 -21.61
C GLY A 276 -12.84 -17.64 -22.40
N SER A 277 -12.93 -17.27 -23.68
CA SER A 277 -13.99 -17.70 -24.56
C SER A 277 -13.61 -18.90 -25.42
N GLY A 278 -12.32 -19.18 -25.58
CA GLY A 278 -11.90 -20.22 -26.48
C GLY A 278 -11.78 -19.79 -27.92
N GLU A 279 -12.12 -18.54 -28.22
CA GLU A 279 -12.06 -17.89 -29.53
C GLU A 279 -10.83 -16.99 -29.61
N PRO A 280 -10.35 -16.77 -30.83
CA PRO A 280 -9.14 -15.97 -31.01
C PRO A 280 -9.30 -14.59 -30.41
N PRO A 281 -8.19 -13.88 -30.24
CA PRO A 281 -8.24 -12.56 -29.63
C PRO A 281 -9.01 -11.56 -30.48
N LEU A 282 -9.81 -10.75 -29.81
CA LEU A 282 -10.55 -9.67 -30.42
C LEU A 282 -10.38 -8.42 -29.56
N MET A 283 -9.64 -7.44 -30.05
CA MET A 283 -9.24 -6.30 -29.23
C MET A 283 -10.14 -5.10 -29.47
N GLY A 284 -10.57 -4.47 -28.37
CA GLY A 284 -11.48 -3.34 -28.50
C GLY A 284 -11.90 -2.81 -27.14
N ARG A 285 -12.75 -1.81 -27.17
CA ARG A 285 -13.23 -1.15 -25.97
C ARG A 285 -14.48 -1.83 -25.43
N GLN A 286 -14.73 -1.63 -24.15
CA GLN A 286 -15.86 -2.26 -23.48
C GLN A 286 -17.12 -1.44 -23.69
N THR A 287 -18.19 -2.12 -24.09
CA THR A 287 -19.47 -1.50 -24.34
C THR A 287 -20.60 -2.11 -23.51
N HIS A 288 -20.36 -3.25 -22.89
CA HIS A 288 -21.32 -3.94 -22.03
C HIS A 288 -20.51 -4.69 -20.99
N PRO A 289 -21.13 -5.13 -19.89
CA PRO A 289 -20.38 -5.95 -18.93
C PRO A 289 -19.56 -7.04 -19.62
N PHE A 290 -18.26 -7.11 -19.32
CA PHE A 290 -17.31 -7.96 -20.04
C PHE A 290 -17.85 -9.34 -20.35
N HIS A 291 -18.61 -9.94 -19.42
CA HIS A 291 -19.07 -11.32 -19.55
C HIS A 291 -20.45 -11.44 -20.21
N TRP A 292 -20.98 -10.35 -20.75
CA TRP A 292 -22.25 -10.34 -21.47
C TRP A 292 -22.00 -10.39 -22.97
N ARG A 293 -22.99 -10.91 -23.71
CA ARG A 293 -22.97 -10.94 -25.17
C ARG A 293 -24.39 -11.11 -25.68
N LYS A 294 -24.71 -10.40 -26.77
CA LYS A 294 -26.00 -10.47 -27.44
C LYS A 294 -25.91 -11.49 -28.58
N ARG A 295 -26.80 -12.48 -28.55
CA ARG A 295 -27.00 -13.52 -29.55
C ARG A 295 -28.39 -13.37 -30.16
N ASP A 296 -28.45 -13.06 -31.45
CA ASP A 296 -29.71 -12.88 -32.17
C ASP A 296 -30.75 -12.18 -31.29
N GLY A 297 -30.32 -11.08 -30.68
CA GLY A 297 -31.23 -10.20 -29.97
C GLY A 297 -31.43 -10.54 -28.52
N ARG A 298 -30.92 -11.68 -28.05
CA ARG A 298 -31.04 -12.14 -26.67
C ARG A 298 -29.70 -12.01 -25.95
N TRP A 299 -29.72 -11.32 -24.80
CA TRP A 299 -28.53 -11.16 -23.97
C TRP A 299 -28.14 -12.50 -23.33
N TYR A 300 -26.85 -12.83 -23.38
CA TYR A 300 -26.35 -14.09 -22.86
C TYR A 300 -25.16 -13.84 -21.94
N GLU A 301 -24.88 -14.79 -21.04
CA GLU A 301 -23.84 -14.63 -20.02
C GLU A 301 -22.94 -15.86 -20.00
N ARG A 302 -21.61 -15.65 -20.03
CA ARG A 302 -20.71 -16.80 -19.99
C ARG A 302 -20.60 -17.33 -18.55
N VAL A 303 -21.07 -18.57 -18.35
CA VAL A 303 -20.96 -19.32 -17.10
C VAL A 303 -19.91 -20.43 -17.22
N PHE A 304 -18.66 -20.06 -16.98
CA PHE A 304 -17.50 -20.96 -17.17
C PHE A 304 -17.52 -21.33 -18.65
N ASP A 305 -17.58 -22.62 -18.98
CA ASP A 305 -17.47 -23.09 -20.36
C ASP A 305 -18.76 -23.08 -21.19
N GLN A 306 -19.82 -22.43 -20.72
CA GLN A 306 -21.11 -22.46 -21.37
C GLN A 306 -21.75 -21.08 -21.38
N TRP A 307 -22.34 -20.71 -22.50
CA TRP A 307 -22.97 -19.41 -22.62
C TRP A 307 -24.47 -19.61 -22.38
N LEU A 308 -24.94 -19.23 -21.20
CA LEU A 308 -26.34 -19.40 -20.81
C LEU A 308 -27.08 -18.07 -20.90
N PRO A 309 -28.41 -18.11 -20.87
CA PRO A 309 -29.19 -16.89 -21.02
C PRO A 309 -29.19 -16.06 -19.75
N LEU A 310 -29.38 -14.76 -19.94
CA LEU A 310 -29.27 -13.77 -18.87
C LEU A 310 -30.65 -13.57 -18.26
N GLU A 311 -30.93 -14.27 -17.15
CA GLU A 311 -32.23 -14.12 -16.47
C GLU A 311 -32.37 -12.70 -15.92
N PRO A 312 -33.55 -12.07 -16.04
CA PRO A 312 -33.58 -10.63 -15.78
C PRO A 312 -33.61 -10.28 -14.30
N GLY A 313 -34.26 -11.08 -13.47
CA GLY A 313 -34.35 -10.86 -12.04
C GLY A 313 -33.16 -11.30 -11.22
N HIS A 314 -32.16 -11.79 -11.88
CA HIS A 314 -30.92 -12.13 -11.22
C HIS A 314 -30.03 -10.90 -11.08
N PRO A 315 -29.13 -10.89 -10.09
CA PRO A 315 -28.30 -9.69 -9.87
C PRO A 315 -27.20 -9.59 -10.91
N VAL A 316 -26.85 -8.36 -11.24
CA VAL A 316 -25.74 -8.12 -12.17
C VAL A 316 -24.45 -8.32 -11.40
N LYS A 317 -23.50 -9.08 -11.98
CA LYS A 317 -22.27 -9.48 -11.29
C LYS A 317 -21.07 -9.24 -12.21
N GLN A 318 -19.86 -9.31 -11.64
CA GLN A 318 -18.62 -9.20 -12.41
C GLN A 318 -18.57 -7.88 -13.18
N ILE A 319 -18.93 -6.80 -12.49
CA ILE A 319 -18.86 -5.45 -13.03
C ILE A 319 -17.80 -4.67 -12.25
N SER A 320 -17.39 -3.55 -12.81
CA SER A 320 -16.39 -2.66 -12.24
C SER A 320 -17.04 -1.59 -11.37
N TYR A 321 -16.22 -0.95 -10.54
CA TYR A 321 -16.68 0.21 -9.80
C TYR A 321 -17.14 1.32 -10.76
N TRP A 322 -16.42 1.52 -11.86
CA TRP A 322 -16.84 2.55 -12.80
C TRP A 322 -18.22 2.24 -13.37
N GLU A 323 -18.41 1.00 -13.84
CA GLU A 323 -19.69 0.58 -14.42
C GLU A 323 -20.86 0.87 -13.48
N ALA A 324 -20.70 0.56 -12.19
CA ALA A 324 -21.72 0.91 -11.21
C ALA A 324 -21.85 2.42 -11.05
N GLU A 325 -20.72 3.13 -10.99
CA GLU A 325 -20.77 4.59 -10.83
C GLU A 325 -21.67 5.24 -11.86
N ALA A 326 -21.42 4.94 -13.14
CA ALA A 326 -22.23 5.48 -14.22
C ALA A 326 -23.70 5.12 -14.05
N PHE A 327 -23.99 3.85 -13.74
CA PHE A 327 -25.39 3.46 -13.53
C PHE A 327 -26.05 4.34 -12.48
N CYS A 328 -25.37 4.55 -11.34
CA CYS A 328 -25.95 5.36 -10.29
C CYS A 328 -26.22 6.78 -10.75
N ALA A 329 -25.37 7.32 -11.63
CA ALA A 329 -25.62 8.63 -12.21
C ALA A 329 -26.86 8.61 -13.10
N TRP A 330 -26.86 7.70 -14.08
CA TRP A 330 -27.97 7.60 -15.02
C TRP A 330 -29.29 7.34 -14.30
N ALA A 331 -29.24 6.68 -13.15
CA ALA A 331 -30.43 6.35 -12.37
C ALA A 331 -30.74 7.36 -11.27
N GLY A 332 -29.98 8.45 -11.16
CA GLY A 332 -30.24 9.41 -10.07
C GLY A 332 -30.16 8.82 -8.68
N ARG A 333 -29.29 7.83 -8.47
CA ARG A 333 -29.08 7.25 -7.16
C ARG A 333 -27.60 7.41 -6.76
N ARG A 334 -27.19 6.78 -5.66
CA ARG A 334 -25.82 6.90 -5.19
C ARG A 334 -25.33 5.57 -4.64
N LEU A 335 -24.01 5.49 -4.45
CA LEU A 335 -23.48 4.27 -3.83
C LEU A 335 -23.39 4.46 -2.30
N PRO A 336 -23.61 3.43 -1.49
CA PRO A 336 -23.49 3.60 -0.04
C PRO A 336 -22.04 3.64 0.42
N SER A 337 -21.85 4.20 1.62
CA SER A 337 -20.58 4.04 2.32
C SER A 337 -20.56 2.73 3.10
N GLU A 338 -19.36 2.28 3.46
CA GLU A 338 -19.27 1.01 4.17
C GLU A 338 -19.94 1.09 5.54
N TYR A 339 -19.96 2.29 6.14
CA TYR A 339 -20.58 2.49 7.45
C TYR A 339 -22.11 2.57 7.38
N GLU A 340 -22.65 3.18 6.32
CA GLU A 340 -24.06 2.98 6.00
C GLU A 340 -24.39 1.49 5.84
N TRP A 341 -23.56 0.80 5.05
CA TRP A 341 -23.78 -0.62 4.75
C TRP A 341 -23.84 -1.45 6.02
N GLU A 342 -22.86 -1.28 6.91
CA GLU A 342 -22.85 -2.06 8.14
C GLU A 342 -24.06 -1.72 9.00
N VAL A 343 -24.41 -0.44 9.09
CA VAL A 343 -25.58 -0.03 9.86
C VAL A 343 -26.83 -0.72 9.34
N ALA A 344 -27.11 -0.54 8.04
CA ALA A 344 -28.22 -1.17 7.33
C ALA A 344 -28.19 -2.70 7.37
N ALA A 345 -27.07 -3.33 7.75
CA ALA A 345 -27.00 -4.78 7.72
C ALA A 345 -27.09 -5.43 9.09
N LEU A 346 -26.54 -4.78 10.12
CA LEU A 346 -26.53 -5.35 11.47
C LEU A 346 -27.33 -4.53 12.47
N ALA A 347 -27.43 -3.20 12.28
CA ALA A 347 -28.19 -2.31 13.15
C ALA A 347 -27.77 -2.44 14.62
N ASN A 348 -26.46 -2.55 14.84
CA ASN A 348 -25.90 -2.61 16.18
C ASN A 348 -25.70 -1.20 16.71
N LYS A 349 -26.22 -0.94 17.91
CA LYS A 349 -26.13 0.37 18.50
C LYS A 349 -25.40 0.28 19.84
N PRO A 350 -24.58 1.28 20.17
CA PRO A 350 -23.73 1.19 21.38
C PRO A 350 -24.55 0.97 22.64
N GLY A 351 -24.14 -0.03 23.42
CA GLY A 351 -24.83 -0.38 24.63
C GLY A 351 -25.77 -1.56 24.50
N GLU A 352 -26.43 -1.70 23.34
CA GLU A 352 -27.40 -2.78 23.15
C GLU A 352 -26.70 -4.09 22.75
N GLU A 353 -27.49 -5.10 22.45
CA GLU A 353 -26.93 -6.38 22.01
C GLU A 353 -26.32 -6.25 20.62
N ARG A 354 -25.45 -7.18 20.26
CA ARG A 354 -24.67 -7.11 19.03
C ARG A 354 -24.97 -8.33 18.21
N ARG A 355 -25.01 -8.18 16.88
CA ARG A 355 -25.13 -9.29 15.94
C ARG A 355 -23.96 -9.26 14.95
N ARG A 356 -23.46 -10.45 14.57
CA ARG A 356 -22.42 -10.53 13.55
C ARG A 356 -23.00 -10.72 12.16
N TYR A 357 -24.13 -11.41 12.06
CA TYR A 357 -24.88 -11.71 10.86
C TYR A 357 -26.21 -10.97 10.87
N PRO A 358 -26.74 -10.59 9.71
CA PRO A 358 -28.00 -9.82 9.70
C PRO A 358 -29.12 -10.53 10.43
N TRP A 359 -29.12 -11.88 10.42
CA TRP A 359 -30.16 -12.66 11.08
C TRP A 359 -29.90 -12.82 12.57
N GLY A 360 -28.67 -12.63 13.03
CA GLY A 360 -28.29 -12.91 14.41
C GLY A 360 -26.81 -13.18 14.61
N ASN A 361 -26.46 -14.22 15.38
CA ASN A 361 -25.06 -14.54 15.64
C ASN A 361 -24.78 -16.03 15.47
N GLU A 362 -25.67 -16.74 14.77
CA GLU A 362 -25.51 -18.13 14.44
C GLU A 362 -25.55 -18.27 12.92
N MET A 363 -24.64 -19.07 12.38
CA MET A 363 -24.46 -19.18 10.95
C MET A 363 -25.13 -20.46 10.45
N ASP A 364 -26.08 -20.31 9.54
CA ASP A 364 -26.71 -21.44 8.88
C ASP A 364 -26.41 -21.24 7.39
N PRO A 365 -25.66 -22.15 6.76
CA PRO A 365 -25.19 -21.94 5.39
C PRO A 365 -26.31 -21.79 4.37
N ALA A 366 -27.56 -21.98 4.81
CA ALA A 366 -28.70 -22.00 3.92
C ALA A 366 -29.36 -20.64 3.75
N LYS A 367 -28.88 -19.62 4.47
CA LYS A 367 -29.51 -18.30 4.44
C LYS A 367 -28.80 -17.31 3.53
N LEU A 368 -27.91 -17.80 2.67
CA LEU A 368 -27.03 -16.93 1.90
C LEU A 368 -26.49 -17.75 0.73
N ASP A 369 -26.22 -17.07 -0.39
CA ASP A 369 -25.57 -17.70 -1.54
C ASP A 369 -24.07 -17.62 -1.34
N MET A 370 -23.52 -18.64 -0.70
CA MET A 370 -22.08 -18.71 -0.55
C MET A 370 -21.63 -20.17 -0.73
N ASP A 371 -20.40 -20.45 -0.31
CA ASP A 371 -19.80 -21.80 -0.30
C ASP A 371 -19.78 -22.45 -1.69
N GLN A 372 -19.67 -21.66 -2.75
CA GLN A 372 -19.45 -22.16 -4.12
C GLN A 372 -20.55 -23.14 -4.56
N ARG A 373 -21.76 -22.61 -4.67
CA ARG A 373 -22.90 -23.44 -5.06
C ARG A 373 -23.64 -22.74 -6.19
N TYR A 374 -24.63 -21.90 -5.85
CA TYR A 374 -25.47 -21.30 -6.89
C TYR A 374 -24.73 -20.22 -7.67
N MET A 375 -23.61 -19.73 -7.16
CA MET A 375 -22.69 -18.87 -7.92
C MET A 375 -23.45 -17.72 -8.59
N GLY A 376 -24.24 -17.03 -7.78
CA GLY A 376 -24.82 -15.77 -8.16
C GLY A 376 -26.15 -15.81 -8.91
N ARG A 377 -26.49 -16.94 -9.52
CA ARG A 377 -27.76 -17.05 -10.23
C ARG A 377 -28.85 -17.37 -9.21
N VAL A 378 -29.26 -16.35 -8.47
CA VAL A 378 -30.36 -16.46 -7.49
C VAL A 378 -31.23 -15.22 -7.64
N PRO A 379 -32.54 -15.31 -7.47
CA PRO A 379 -33.39 -14.12 -7.57
C PRO A 379 -33.07 -13.13 -6.46
N VAL A 380 -33.02 -11.83 -6.80
CA VAL A 380 -32.51 -10.83 -5.88
C VAL A 380 -33.38 -10.65 -4.65
N THR A 381 -34.59 -11.21 -4.66
CA THR A 381 -35.52 -11.14 -3.53
C THR A 381 -35.52 -12.43 -2.71
N ALA A 382 -34.60 -13.35 -2.97
CA ALA A 382 -34.61 -14.66 -2.32
C ALA A 382 -33.96 -14.55 -0.94
N PHE A 383 -33.77 -15.68 -0.26
CA PHE A 383 -33.12 -15.77 1.04
C PHE A 383 -33.72 -14.78 2.05
N PRO A 384 -35.02 -14.87 2.30
CA PRO A 384 -35.66 -13.92 3.21
C PRO A 384 -35.26 -14.16 4.65
N ALA A 385 -34.83 -15.37 4.99
CA ALA A 385 -34.38 -15.64 6.36
C ALA A 385 -33.12 -14.88 6.71
N GLY A 386 -32.38 -14.37 5.72
CA GLY A 386 -31.20 -13.56 5.96
C GLY A 386 -31.50 -12.08 5.84
N GLU A 387 -32.77 -11.75 6.05
CA GLU A 387 -33.20 -10.37 5.94
C GLU A 387 -32.55 -9.53 7.02
N SER A 388 -32.06 -8.35 6.63
CA SER A 388 -31.51 -7.44 7.61
C SER A 388 -32.62 -6.88 8.49
N PRO A 389 -32.28 -6.39 9.68
CA PRO A 389 -33.27 -5.76 10.56
C PRO A 389 -34.11 -4.68 9.90
N PHE A 390 -33.59 -4.00 8.87
CA PHE A 390 -34.31 -2.98 8.11
C PHE A 390 -34.94 -3.53 6.82
N GLY A 391 -35.01 -4.86 6.65
CA GLY A 391 -35.60 -5.47 5.48
C GLY A 391 -34.62 -5.82 4.36
N CYS A 392 -33.46 -5.17 4.29
CA CYS A 392 -32.46 -5.46 3.26
C CYS A 392 -32.21 -6.95 3.10
N ARG A 393 -32.28 -7.41 1.86
CA ARG A 393 -32.17 -8.82 1.56
C ARG A 393 -30.87 -9.13 0.84
N GLN A 394 -30.35 -10.34 1.08
CA GLN A 394 -29.16 -10.86 0.42
C GLN A 394 -27.96 -9.94 0.61
N MET A 395 -27.89 -9.31 1.77
CA MET A 395 -26.74 -8.45 2.04
C MET A 395 -25.48 -9.29 2.09
N LEU A 396 -25.45 -10.22 3.04
CA LEU A 396 -24.36 -11.17 3.24
C LEU A 396 -24.52 -12.31 2.24
N GLY A 397 -23.70 -12.32 1.20
CA GLY A 397 -23.74 -13.43 0.23
C GLY A 397 -23.96 -12.97 -1.19
N THR A 398 -24.11 -13.91 -2.13
CA THR A 398 -24.33 -13.58 -3.57
C THR A 398 -22.97 -12.91 -3.88
N VAL A 399 -22.94 -11.59 -4.07
CA VAL A 399 -21.71 -10.93 -4.60
C VAL A 399 -21.08 -9.91 -3.66
N TRP A 400 -19.82 -9.54 -3.91
CA TRP A 400 -19.16 -8.49 -3.10
C TRP A 400 -19.71 -7.12 -3.50
N GLU A 401 -20.33 -6.40 -2.55
CA GLU A 401 -20.97 -5.14 -2.90
C GLU A 401 -20.00 -3.97 -2.85
N TRP A 402 -19.92 -3.22 -3.96
CA TRP A 402 -19.06 -2.05 -4.03
C TRP A 402 -19.56 -0.99 -3.05
N THR A 403 -18.65 -0.40 -2.28
CA THR A 403 -18.94 0.81 -1.52
C THR A 403 -18.17 1.98 -2.11
N GLY A 404 -18.52 3.19 -1.69
CA GLY A 404 -17.96 4.42 -2.17
C GLY A 404 -16.73 4.92 -1.45
N ASN A 405 -16.28 4.25 -0.39
CA ASN A 405 -15.06 4.58 0.34
C ASN A 405 -13.86 3.84 -0.24
N GLN A 406 -12.68 4.33 0.10
CA GLN A 406 -11.43 3.68 -0.22
C GLN A 406 -10.94 2.94 1.01
N PHE A 407 -10.38 1.74 0.79
CA PHE A 407 -9.90 0.92 1.90
C PHE A 407 -8.85 1.76 2.64
N MET A 408 -9.13 2.09 3.89
CA MET A 408 -8.25 2.89 4.71
C MET A 408 -8.30 2.23 6.07
N PRO A 409 -7.30 2.47 6.92
CA PRO A 409 -7.32 1.86 8.26
C PRO A 409 -8.29 2.58 9.17
N TYR A 410 -8.97 1.81 10.01
CA TYR A 410 -9.78 2.39 11.07
C TYR A 410 -8.84 3.17 11.98
N ASP A 411 -9.32 4.26 12.54
CA ASP A 411 -8.47 4.99 13.47
C ASP A 411 -8.17 4.12 14.68
N GLY A 412 -6.88 3.85 14.90
CA GLY A 412 -6.41 2.94 15.96
C GLY A 412 -5.83 1.64 15.46
N PHE A 413 -5.56 1.54 14.18
CA PHE A 413 -5.15 0.29 13.54
C PHE A 413 -3.90 -0.32 14.18
N SER A 414 -3.90 -1.65 14.30
CA SER A 414 -2.77 -2.42 14.78
C SER A 414 -2.56 -3.60 13.85
N VAL A 415 -1.37 -3.72 13.26
CA VAL A 415 -1.10 -4.81 12.35
C VAL A 415 -1.20 -6.14 13.07
N ASP A 416 -1.67 -7.14 12.33
CA ASP A 416 -1.89 -8.51 12.78
C ASP A 416 -0.57 -9.29 12.75
N MET A 417 -0.60 -10.54 13.28
CA MET A 417 0.61 -11.37 13.31
C MET A 417 1.19 -11.51 11.91
N TYR A 418 0.31 -11.60 10.91
CA TYR A 418 0.66 -11.51 9.50
C TYR A 418 0.39 -10.04 9.14
N PRO A 419 1.42 -9.19 9.08
CA PRO A 419 1.21 -7.74 8.96
C PRO A 419 0.97 -7.21 7.56
N PHE A 420 1.11 -8.05 6.52
CA PHE A 420 0.93 -7.62 5.14
C PHE A 420 -0.52 -7.75 4.66
N TYR A 421 -1.41 -8.30 5.51
CA TYR A 421 -2.76 -8.67 5.10
C TYR A 421 -3.52 -7.49 4.53
N SER A 422 -3.64 -6.41 5.30
CA SER A 422 -4.40 -5.24 4.84
C SER A 422 -3.50 -4.10 4.40
N THR A 423 -2.27 -4.02 4.92
CA THR A 423 -1.41 -2.87 4.66
C THR A 423 -1.07 -2.76 3.18
N LEU A 424 -0.97 -3.89 2.48
CA LEU A 424 -0.49 -3.88 1.10
C LEU A 424 -1.49 -3.32 0.11
N GLN A 425 -2.75 -3.12 0.50
CA GLN A 425 -3.85 -2.80 -0.40
C GLN A 425 -4.66 -1.61 0.09
N PHE A 426 -4.04 -0.65 0.75
CA PHE A 426 -4.74 0.56 1.19
C PHE A 426 -4.82 1.58 0.06
N ALA A 427 -5.82 2.44 0.12
CA ALA A 427 -5.93 3.62 -0.73
C ALA A 427 -6.12 3.25 -2.21
N THR A 428 -5.23 2.43 -2.77
CA THR A 428 -5.38 1.96 -4.14
C THR A 428 -6.65 1.13 -4.35
N HIS A 429 -7.19 0.52 -3.30
CA HIS A 429 -8.32 -0.38 -3.39
C HIS A 429 -9.58 0.27 -2.81
N LYS A 430 -10.75 -0.25 -3.18
CA LYS A 430 -12.03 0.23 -2.69
C LYS A 430 -12.62 -0.84 -1.78
N THR A 431 -13.20 -0.41 -0.65
CA THR A 431 -13.82 -1.35 0.27
C THR A 431 -15.05 -2.00 -0.33
N THR A 432 -15.09 -3.32 -0.33
CA THR A 432 -16.28 -4.04 -0.71
C THR A 432 -16.72 -4.83 0.50
N LYS A 433 -18.04 -5.02 0.61
CA LYS A 433 -18.60 -5.65 1.79
C LYS A 433 -19.60 -6.72 1.35
N GLY A 434 -19.88 -7.67 2.24
CA GLY A 434 -20.92 -8.65 2.00
C GLY A 434 -20.22 -10.01 1.95
N GLY A 435 -20.34 -10.69 0.83
CA GLY A 435 -19.75 -12.02 0.68
C GLY A 435 -19.95 -12.49 -0.75
N GLY A 436 -19.06 -13.34 -1.24
CA GLY A 436 -19.16 -13.75 -2.64
C GLY A 436 -19.69 -15.16 -2.76
N CYS A 437 -20.40 -15.44 -3.85
CA CYS A 437 -20.92 -16.81 -4.09
C CYS A 437 -19.75 -17.78 -4.03
N ALA A 438 -18.55 -17.30 -4.37
CA ALA A 438 -17.36 -18.17 -4.42
C ALA A 438 -16.64 -18.15 -3.08
N ALA A 439 -17.17 -17.44 -2.08
CA ALA A 439 -16.44 -17.34 -0.83
C ALA A 439 -17.07 -18.22 0.23
N SER A 440 -16.23 -18.84 1.06
CA SER A 440 -16.73 -19.71 2.11
C SER A 440 -17.44 -18.91 3.18
N SER A 441 -18.57 -19.43 3.67
CA SER A 441 -19.31 -18.69 4.67
C SER A 441 -18.66 -18.72 6.04
N MET A 442 -17.74 -19.66 6.30
CA MET A 442 -17.23 -19.76 7.67
C MET A 442 -16.42 -18.56 8.10
N LEU A 443 -16.06 -17.68 7.15
CA LEU A 443 -15.23 -16.52 7.42
C LEU A 443 -15.95 -15.18 7.33
N ILE A 444 -17.21 -15.17 6.88
CA ILE A 444 -17.97 -13.93 6.69
C ILE A 444 -18.60 -13.41 7.98
N ARG A 445 -18.80 -12.09 7.95
CA ARG A 445 -19.30 -11.30 9.06
C ARG A 445 -19.75 -9.97 8.47
N GLY A 446 -20.73 -9.35 9.13
CA GLY A 446 -21.12 -7.99 8.76
C GLY A 446 -19.99 -6.97 8.85
N THR A 447 -19.09 -7.13 9.84
CA THR A 447 -17.91 -6.28 10.03
C THR A 447 -16.81 -6.50 8.99
N TYR A 448 -16.75 -7.69 8.37
CA TYR A 448 -15.72 -8.05 7.40
C TYR A 448 -15.53 -6.95 6.35
N ARG A 449 -14.29 -6.78 5.91
CA ARG A 449 -14.00 -5.76 4.88
C ARG A 449 -13.09 -6.38 3.81
N ASN A 450 -13.52 -6.38 2.56
CA ASN A 450 -12.64 -6.87 1.46
C ASN A 450 -12.12 -5.65 0.69
N PHE A 451 -11.17 -5.86 -0.20
CA PHE A 451 -10.54 -4.71 -0.90
C PHE A 451 -10.28 -5.11 -2.34
N TYR A 452 -10.92 -4.43 -3.29
CA TYR A 452 -10.70 -4.73 -4.72
C TYR A 452 -10.39 -3.45 -5.47
N HIS A 453 -9.56 -3.54 -6.50
CA HIS A 453 -9.22 -2.41 -7.34
C HIS A 453 -10.41 -2.04 -8.22
N PRO A 454 -10.66 -0.75 -8.43
CA PRO A 454 -11.92 -0.35 -9.07
C PRO A 454 -12.02 -0.80 -10.53
N ASP A 455 -10.89 -1.08 -11.20
CA ASP A 455 -10.89 -1.40 -12.62
C ASP A 455 -11.14 -2.88 -12.93
N ARG A 456 -11.75 -3.64 -12.03
CA ARG A 456 -11.69 -5.09 -12.16
C ARG A 456 -13.04 -5.66 -12.54
N CYS A 457 -13.04 -6.55 -13.52
CA CYS A 457 -14.23 -7.26 -13.94
C CYS A 457 -14.12 -8.76 -13.72
N ASP A 458 -13.06 -9.23 -13.03
CA ASP A 458 -12.80 -10.65 -12.90
C ASP A 458 -13.30 -11.25 -11.58
N VAL A 459 -13.59 -10.41 -10.60
CA VAL A 459 -14.04 -10.87 -9.30
C VAL A 459 -15.56 -10.77 -9.23
N TYR A 460 -16.16 -11.56 -8.33
CA TYR A 460 -17.61 -11.63 -8.21
C TYR A 460 -18.13 -10.45 -7.39
N THR A 461 -18.18 -9.30 -8.05
CA THR A 461 -18.64 -8.04 -7.46
C THR A 461 -20.05 -7.70 -7.93
N GLY A 462 -20.76 -6.95 -7.08
CA GLY A 462 -22.09 -6.41 -7.32
C GLY A 462 -22.29 -5.12 -6.57
N PHE A 463 -23.51 -4.58 -6.60
CA PHE A 463 -23.80 -3.34 -5.90
C PHE A 463 -25.30 -3.17 -5.70
N ARG A 464 -25.67 -2.36 -4.71
CA ARG A 464 -27.05 -1.92 -4.56
C ARG A 464 -27.00 -0.40 -4.42
N THR A 465 -28.10 0.26 -4.78
CA THR A 465 -28.16 1.70 -4.81
C THR A 465 -28.79 2.27 -3.55
N CYS A 466 -28.33 3.44 -3.20
CA CYS A 466 -28.81 4.16 -2.03
C CYS A 466 -29.43 5.46 -2.53
N ALA A 467 -30.43 5.96 -1.79
CA ALA A 467 -31.23 7.11 -2.23
C ALA A 467 -30.48 8.43 -2.09
N LEU A 468 -30.70 9.32 -3.04
CA LEU A 468 -30.01 10.61 -3.07
C LEU A 468 -30.63 11.60 -2.08
N SER A 469 -29.95 12.73 -1.91
CA SER A 469 -30.43 13.77 -1.01
C SER A 469 -30.52 15.12 -1.73
N ASP B 23 7.79 33.84 15.28
CA ASP B 23 6.80 32.84 14.89
C ASP B 23 6.21 33.08 13.47
N ARG B 24 5.32 34.07 13.36
CA ARG B 24 4.75 34.44 12.05
C ARG B 24 5.85 34.88 11.08
N GLU B 25 6.90 35.50 11.61
CA GLU B 25 7.99 35.92 10.75
C GLU B 25 8.72 34.72 10.15
N SER B 26 9.14 33.80 11.02
CA SER B 26 9.82 32.59 10.58
C SER B 26 9.05 31.87 9.48
N LEU B 27 7.75 31.61 9.70
CA LEU B 27 6.89 31.02 8.67
C LEU B 27 7.05 31.75 7.34
N ILE B 28 6.92 33.07 7.36
CA ILE B 28 7.01 33.89 6.16
C ILE B 28 8.41 33.80 5.55
N GLN B 29 9.44 33.74 6.41
CA GLN B 29 10.80 33.53 5.93
C GLN B 29 10.91 32.20 5.20
N ALA B 30 10.34 31.14 5.80
CA ALA B 30 10.40 29.81 5.22
C ALA B 30 9.67 29.76 3.88
N LEU B 31 8.41 30.24 3.84
CA LEU B 31 7.65 30.32 2.59
C LEU B 31 8.44 31.03 1.51
N HIS B 32 9.09 32.14 1.86
CA HIS B 32 9.90 32.85 0.89
C HIS B 32 11.03 31.96 0.39
N HIS B 33 11.84 31.41 1.31
CA HIS B 33 12.97 30.57 0.92
C HIS B 33 12.53 29.40 0.06
N THR B 34 11.39 28.80 0.40
CA THR B 34 10.84 27.72 -0.41
C THR B 34 10.58 28.20 -1.84
N ARG B 35 9.74 29.22 -1.99
CA ARG B 35 9.47 29.80 -3.30
C ARG B 35 10.74 30.05 -4.09
N ASP B 36 11.73 30.68 -3.45
CA ASP B 36 12.99 30.99 -4.13
C ASP B 36 13.61 29.72 -4.70
N ARG B 37 13.74 28.70 -3.85
CA ARG B 37 14.35 27.42 -4.30
C ARG B 37 13.62 26.93 -5.56
N VAL B 38 12.30 26.81 -5.50
CA VAL B 38 11.52 26.34 -6.63
C VAL B 38 11.86 27.14 -7.87
N LYS B 39 11.73 28.47 -7.75
CA LYS B 39 12.03 29.36 -8.86
C LYS B 39 13.44 29.11 -9.41
N ASP B 40 14.44 29.06 -8.53
CA ASP B 40 15.82 28.83 -8.99
C ASP B 40 15.93 27.55 -9.81
N LEU B 41 15.29 26.46 -9.33
CA LEU B 41 15.30 25.19 -10.05
C LEU B 41 14.65 25.31 -11.42
N VAL B 42 13.46 25.94 -11.49
CA VAL B 42 12.70 26.03 -12.74
C VAL B 42 13.37 26.98 -13.74
N CYS B 43 13.59 28.23 -13.31
CA CYS B 43 14.04 29.27 -14.24
C CYS B 43 15.42 28.95 -14.83
N SER B 44 16.33 28.35 -14.04
CA SER B 44 17.70 28.13 -14.51
C SER B 44 17.75 27.26 -15.78
N LEU B 45 16.90 26.24 -15.88
CA LEU B 45 16.93 25.35 -17.03
C LEU B 45 16.44 26.09 -18.29
N ARG B 46 16.99 25.68 -19.44
CA ARG B 46 16.58 26.28 -20.71
C ARG B 46 15.21 25.75 -21.14
N GLU B 47 14.75 26.19 -22.32
CA GLU B 47 13.46 25.72 -22.82
C GLU B 47 13.54 24.26 -23.25
N ASP B 48 14.57 23.89 -24.01
CA ASP B 48 14.79 22.50 -24.39
C ASP B 48 14.98 21.58 -23.18
N GLN B 49 15.50 22.11 -22.08
CA GLN B 49 15.71 21.38 -20.84
C GLN B 49 14.47 21.34 -19.97
N LEU B 50 13.28 21.55 -20.53
CA LEU B 50 12.07 21.47 -19.73
C LEU B 50 11.29 20.19 -19.97
N SER B 51 11.54 19.51 -21.09
CA SER B 51 10.99 18.19 -21.38
C SER B 51 11.98 17.15 -20.86
N VAL B 52 11.91 16.93 -19.55
CA VAL B 52 12.84 16.04 -18.87
C VAL B 52 12.74 14.66 -19.50
N PRO B 53 13.84 13.96 -19.75
CA PRO B 53 13.74 12.57 -20.18
C PRO B 53 12.92 11.78 -19.18
N TYR B 54 12.15 10.82 -19.68
CA TYR B 54 11.27 10.06 -18.81
C TYR B 54 12.07 9.08 -17.96
N HIS B 55 11.75 9.02 -16.66
CA HIS B 55 12.39 8.09 -15.75
C HIS B 55 11.40 7.96 -14.60
N PRO B 56 11.16 6.75 -14.12
CA PRO B 56 10.11 6.53 -13.11
C PRO B 56 10.23 7.39 -11.86
N GLY B 57 11.42 7.90 -11.57
CA GLY B 57 11.62 8.67 -10.35
C GLY B 57 11.63 10.18 -10.52
N VAL B 58 11.69 10.64 -11.77
CA VAL B 58 11.66 12.05 -12.05
C VAL B 58 10.23 12.46 -12.36
N ASN B 59 9.97 13.77 -12.39
CA ASN B 59 8.66 14.31 -12.69
C ASN B 59 8.94 15.69 -13.29
N PRO B 60 8.17 16.11 -14.30
CA PRO B 60 8.40 17.41 -14.95
C PRO B 60 8.39 18.56 -13.96
N PRO B 61 9.39 19.44 -14.05
CA PRO B 61 9.57 20.48 -13.02
C PRO B 61 8.39 21.41 -12.80
N VAL B 62 7.75 21.83 -13.90
CA VAL B 62 6.60 22.73 -13.81
C VAL B 62 5.47 22.08 -13.00
N TRP B 63 5.17 20.80 -13.31
CA TRP B 63 4.10 20.08 -12.61
C TRP B 63 4.35 20.08 -11.12
N GLU B 64 5.61 19.86 -10.71
CA GLU B 64 5.97 19.86 -9.30
C GLU B 64 5.57 21.18 -8.65
N MET B 65 5.87 22.29 -9.32
CA MET B 65 5.51 23.62 -8.81
C MET B 65 3.99 23.76 -8.68
N GLY B 66 3.26 23.52 -9.76
CA GLY B 66 1.79 23.59 -9.69
C GLY B 66 1.21 22.65 -8.64
N HIS B 67 1.65 21.39 -8.67
CA HIS B 67 1.16 20.43 -7.68
C HIS B 67 1.48 20.89 -6.26
N SER B 68 2.71 21.38 -6.03
CA SER B 68 3.09 21.81 -4.69
C SER B 68 2.35 23.07 -4.27
N THR B 69 2.05 23.94 -5.22
CA THR B 69 1.25 25.13 -4.96
C THR B 69 -0.21 24.77 -4.69
N PHE B 70 -0.76 23.87 -5.50
CA PHE B 70 -2.15 23.42 -5.31
C PHE B 70 -2.39 22.92 -3.88
N PHE B 71 -1.37 22.36 -3.24
CA PHE B 71 -1.53 21.81 -1.90
C PHE B 71 -2.04 22.86 -0.93
N TYR B 72 -1.42 24.06 -0.95
CA TYR B 72 -1.89 25.16 -0.09
C TYR B 72 -3.35 25.48 -0.37
N GLU B 73 -3.70 25.48 -1.66
CA GLU B 73 -5.06 25.82 -2.07
C GLU B 73 -6.08 24.91 -1.39
N VAL B 74 -5.83 23.60 -1.40
CA VAL B 74 -6.83 22.67 -0.90
C VAL B 74 -6.68 22.36 0.58
N PHE B 75 -5.49 22.53 1.16
CA PHE B 75 -5.30 22.15 2.54
C PHE B 75 -5.13 23.34 3.48
N VAL B 76 -4.79 24.51 2.94
CA VAL B 76 -4.65 25.71 3.74
C VAL B 76 -5.76 26.71 3.46
N LEU B 77 -6.10 26.91 2.19
CA LEU B 77 -7.11 27.90 1.86
C LEU B 77 -8.59 27.56 1.97
N ASN B 78 -9.07 26.66 1.11
CA ASN B 78 -10.48 26.23 1.03
C ASN B 78 -10.75 25.42 2.28
N TRP B 79 -9.77 24.64 2.73
CA TRP B 79 -9.86 23.86 3.95
C TRP B 79 -10.42 24.66 5.13
N LEU B 80 -9.74 25.76 5.49
CA LEU B 80 -10.17 26.59 6.61
C LEU B 80 -10.96 27.83 6.20
N ASP B 81 -10.65 28.43 5.05
CA ASP B 81 -11.35 29.59 4.52
C ASP B 81 -11.96 29.19 3.18
N GLY B 82 -13.24 28.80 3.18
CA GLY B 82 -13.93 28.37 1.98
C GLY B 82 -13.51 29.42 0.96
N THR B 83 -13.00 28.96 -0.18
CA THR B 83 -12.30 29.75 -1.19
C THR B 83 -12.31 28.88 -2.44
N PRO B 84 -12.49 29.46 -3.67
CA PRO B 84 -12.26 28.66 -4.88
C PRO B 84 -10.77 28.57 -5.19
N SER B 85 -10.44 27.97 -6.32
CA SER B 85 -9.05 27.69 -6.65
C SER B 85 -8.69 28.21 -8.03
N TYR B 86 -8.13 29.43 -8.07
CA TYR B 86 -7.48 30.00 -9.26
C TYR B 86 -8.29 29.58 -10.48
N ASP B 87 -7.65 28.85 -11.39
CA ASP B 87 -8.21 27.97 -12.39
C ASP B 87 -8.78 26.64 -11.94
N PRO B 88 -10.07 26.56 -11.58
CA PRO B 88 -10.63 25.29 -11.10
C PRO B 88 -10.63 24.18 -12.14
N SER B 89 -10.20 24.48 -13.37
CA SER B 89 -10.09 23.44 -14.39
C SER B 89 -8.93 22.50 -14.10
N MET B 90 -7.76 23.07 -13.79
CA MET B 90 -6.56 22.30 -13.51
C MET B 90 -6.60 21.59 -12.15
N ASP B 91 -7.69 21.74 -11.39
CA ASP B 91 -7.81 21.09 -10.08
C ASP B 91 -7.49 19.61 -10.14
N ASP B 92 -8.27 18.85 -10.90
CA ASP B 92 -8.05 17.42 -10.99
C ASP B 92 -6.86 17.05 -11.86
N LEU B 93 -6.04 18.03 -12.23
CA LEU B 93 -4.82 17.80 -12.99
C LEU B 93 -3.57 18.09 -12.16
N TRP B 94 -3.74 18.34 -10.87
CA TRP B 94 -2.63 18.49 -9.95
C TRP B 94 -2.56 17.37 -8.92
N ASP B 95 -3.72 16.85 -8.47
CA ASP B 95 -3.81 15.76 -7.51
C ASP B 95 -2.94 14.60 -7.98
N SER B 96 -1.84 14.36 -7.25
CA SER B 96 -0.94 13.26 -7.58
C SER B 96 -1.69 11.93 -7.62
N PHE B 97 -2.66 11.74 -6.71
CA PHE B 97 -3.49 10.54 -6.73
C PHE B 97 -4.18 10.36 -8.08
N HIS B 98 -4.79 11.42 -8.59
CA HIS B 98 -5.52 11.31 -9.84
C HIS B 98 -4.59 11.39 -11.05
N MET B 99 -3.47 12.09 -10.94
CA MET B 99 -2.54 12.22 -12.07
C MET B 99 -1.81 10.90 -12.35
N ASP B 100 -1.65 10.57 -13.63
CA ASP B 100 -0.89 9.41 -14.09
C ASP B 100 0.50 9.85 -14.53
N HIS B 101 1.52 9.12 -14.07
CA HIS B 101 2.91 9.53 -14.30
C HIS B 101 3.16 9.90 -15.75
N GLU B 102 2.82 9.01 -16.69
CA GLU B 102 3.08 9.28 -18.10
C GLU B 102 2.31 10.51 -18.58
N ASP B 103 1.08 10.70 -18.09
CA ASP B 103 0.27 11.85 -18.48
C ASP B 103 0.88 13.18 -18.03
N ARG B 104 1.65 13.19 -16.93
CA ARG B 104 2.29 14.42 -16.45
C ARG B 104 3.29 15.01 -17.43
N TRP B 105 3.72 14.25 -18.45
CA TRP B 105 4.63 14.76 -19.46
C TRP B 105 3.92 15.43 -20.64
N SER B 106 2.64 15.81 -20.46
CA SER B 106 1.87 16.44 -21.53
C SER B 106 2.27 17.89 -21.73
N LYS B 107 1.83 18.44 -22.85
CA LYS B 107 2.02 19.85 -23.15
C LYS B 107 0.71 20.59 -23.30
N THR B 108 -0.29 19.97 -23.94
CA THR B 108 -1.60 20.60 -24.09
C THR B 108 -2.26 20.83 -22.73
N LEU B 109 -2.35 19.78 -21.91
CA LEU B 109 -3.03 19.92 -20.62
C LEU B 109 -2.24 20.83 -19.68
N PHE B 110 -0.92 20.79 -19.78
CA PHE B 110 -0.07 21.61 -18.93
C PHE B 110 -0.20 23.09 -19.28
N PRO B 111 -0.05 23.98 -18.30
CA PRO B 111 -0.02 25.42 -18.60
C PRO B 111 1.47 25.64 -18.82
N SER B 112 1.88 26.91 -18.86
CA SER B 112 3.26 27.26 -19.05
C SER B 112 4.10 27.70 -17.86
N ARG B 113 5.42 27.61 -18.03
CA ARG B 113 6.36 28.07 -17.01
C ARG B 113 5.95 29.44 -16.45
N GLU B 114 5.77 30.41 -17.34
CA GLU B 114 5.38 31.75 -16.93
C GLU B 114 4.01 31.74 -16.24
N ASP B 115 3.00 31.17 -16.91
CA ASP B 115 1.66 31.17 -16.33
C ASP B 115 1.62 30.45 -14.98
N THR B 116 2.36 29.33 -14.86
CA THR B 116 2.40 28.60 -13.60
C THR B 116 3.21 29.36 -12.54
N LEU B 117 4.36 29.92 -12.92
CA LEU B 117 5.12 30.73 -11.98
C LEU B 117 4.27 31.86 -11.40
N ALA B 118 3.37 32.42 -12.23
CA ALA B 118 2.40 33.38 -11.72
C ALA B 118 1.50 32.75 -10.66
N TYR B 119 0.96 31.57 -10.96
CA TYR B 119 0.08 30.87 -10.03
C TYR B 119 0.74 30.69 -8.66
N MET B 120 2.05 30.41 -8.65
CA MET B 120 2.80 30.35 -7.40
C MET B 120 2.72 31.66 -6.63
N ASP B 121 3.30 32.72 -7.20
CA ASP B 121 3.38 34.02 -6.54
C ASP B 121 2.03 34.45 -5.98
N THR B 122 0.97 34.29 -6.78
CA THR B 122 -0.37 34.66 -6.32
C THR B 122 -0.77 33.88 -5.08
N ILE B 123 -0.62 32.55 -5.13
CA ILE B 123 -0.99 31.73 -3.97
C ILE B 123 -0.05 32.04 -2.80
N ILE B 124 1.25 32.12 -3.08
CA ILE B 124 2.22 32.50 -2.04
C ILE B 124 1.78 33.78 -1.35
N GLN B 125 1.44 34.79 -2.14
CA GLN B 125 1.02 36.06 -1.56
C GLN B 125 -0.22 35.88 -0.69
N ARG B 126 -1.23 35.14 -1.21
CA ARG B 126 -2.46 34.94 -0.44
C ARG B 126 -2.19 34.24 0.88
N MET B 127 -1.25 33.29 0.89
CA MET B 127 -0.79 32.67 2.14
C MET B 127 -0.12 33.68 3.04
N GLU B 128 0.80 34.50 2.48
CA GLU B 128 1.50 35.53 3.25
C GLU B 128 0.52 36.44 3.99
N ASP B 129 -0.53 36.90 3.28
CA ASP B 129 -1.56 37.72 3.91
C ASP B 129 -2.23 36.97 5.06
N ARG B 130 -2.66 35.73 4.79
CA ARG B 130 -3.42 34.97 5.79
C ARG B 130 -2.62 34.78 7.08
N ILE B 131 -1.32 34.53 6.96
CA ILE B 131 -0.46 34.40 8.15
C ILE B 131 -0.43 35.72 8.92
N ARG B 132 -0.12 36.82 8.21
CA ARG B 132 -0.05 38.14 8.84
C ARG B 132 -1.41 38.60 9.40
N ASN B 133 -2.49 38.37 8.64
CA ASN B 133 -3.81 38.88 9.01
C ASN B 133 -4.60 38.04 10.00
N GLN B 134 -5.07 36.87 9.57
CA GLN B 134 -5.93 36.03 10.38
C GLN B 134 -5.09 35.40 11.50
N PRO B 135 -5.72 35.05 12.62
CA PRO B 135 -4.96 34.59 13.79
C PRO B 135 -4.15 33.32 13.51
N LEU B 136 -3.14 33.10 14.36
CA LEU B 136 -2.36 31.85 14.31
C LEU B 136 -2.77 30.96 15.48
N THR B 137 -3.96 30.41 15.32
CA THR B 137 -4.39 29.31 16.16
C THR B 137 -3.56 28.06 15.86
N ASP B 138 -3.53 27.14 16.84
CA ASP B 138 -2.88 25.85 16.65
C ASP B 138 -3.28 25.23 15.32
N GLU B 139 -4.59 25.15 15.07
CA GLU B 139 -5.10 24.63 13.81
C GLU B 139 -4.41 25.28 12.61
N ALA B 140 -4.31 26.61 12.60
CA ALA B 140 -3.68 27.28 11.46
C ALA B 140 -2.21 26.89 11.35
N LEU B 141 -1.52 26.85 12.48
CA LEU B 141 -0.09 26.51 12.49
C LEU B 141 0.16 25.17 11.80
N TYR B 142 -0.42 24.09 12.36
CA TYR B 142 -0.35 22.75 11.81
C TYR B 142 -0.48 22.74 10.27
N LEU B 143 -1.63 23.19 9.75
CA LEU B 143 -1.87 23.24 8.30
C LEU B 143 -0.79 24.01 7.56
N TYR B 144 -0.43 25.20 8.07
CA TYR B 144 0.63 26.01 7.48
C TYR B 144 1.92 25.20 7.32
N ARG B 145 2.45 24.71 8.42
CA ARG B 145 3.75 23.99 8.35
C ARG B 145 3.61 22.86 7.35
N TYR B 146 2.74 21.90 7.63
CA TYR B 146 2.48 20.77 6.74
C TYR B 146 2.60 21.18 5.28
N ALA B 147 1.87 22.23 4.89
CA ALA B 147 1.89 22.68 3.50
C ALA B 147 3.29 23.06 3.06
N ILE B 148 3.94 23.94 3.81
CA ILE B 148 5.29 24.36 3.44
C ILE B 148 6.20 23.16 3.31
N TYR B 149 6.14 22.27 4.30
CA TYR B 149 6.94 21.06 4.26
C TYR B 149 6.72 20.26 2.98
N HIS B 150 5.46 19.94 2.67
CA HIS B 150 5.15 19.18 1.45
C HIS B 150 5.80 19.81 0.22
N GLN B 151 5.77 21.14 0.13
CA GLN B 151 6.46 21.79 -0.98
C GLN B 151 7.96 21.55 -0.90
N ASN B 152 8.54 21.63 0.31
CA ASN B 152 9.95 21.34 0.46
C ASN B 152 10.30 19.92 0.02
N MET B 153 9.40 18.97 0.27
CA MET B 153 9.54 17.62 -0.26
C MET B 153 9.79 17.62 -1.77
N HIS B 154 8.96 18.37 -2.52
CA HIS B 154 9.13 18.46 -3.96
C HIS B 154 10.36 19.31 -4.34
N VAL B 155 10.95 20.05 -3.39
CA VAL B 155 12.23 20.69 -3.69
C VAL B 155 13.30 19.63 -3.89
N GLU B 156 13.39 18.67 -2.96
CA GLU B 156 14.28 17.51 -3.10
C GLU B 156 14.07 16.77 -4.42
N SER B 157 12.81 16.53 -4.80
CA SER B 157 12.53 15.77 -6.01
C SER B 157 13.14 16.43 -7.24
N MET B 158 12.93 17.75 -7.40
CA MET B 158 13.48 18.42 -8.58
C MET B 158 14.99 18.36 -8.58
N THR B 159 15.59 18.56 -7.40
CA THR B 159 17.03 18.48 -7.27
C THR B 159 17.58 17.15 -7.79
N TRP B 160 17.04 16.01 -7.29
CA TRP B 160 17.60 14.74 -7.74
C TRP B 160 17.22 14.47 -9.18
N CYS B 161 16.12 15.06 -9.64
CA CYS B 161 15.70 14.80 -11.01
C CYS B 161 16.80 15.23 -11.96
N ARG B 162 17.51 16.31 -11.60
CA ARG B 162 18.62 16.78 -12.41
C ARG B 162 19.74 15.75 -12.46
N GLN B 163 20.08 15.20 -11.28
CA GLN B 163 21.07 14.13 -11.20
C GLN B 163 20.66 12.92 -12.01
N THR B 164 19.37 12.56 -11.94
CA THR B 164 18.88 11.40 -12.66
C THR B 164 18.98 11.62 -14.17
N VAL B 165 18.57 12.81 -14.64
CA VAL B 165 18.56 13.05 -16.09
C VAL B 165 19.89 13.58 -16.61
N GLY B 166 20.80 14.03 -15.76
CA GLY B 166 22.06 14.57 -16.23
C GLY B 166 22.10 16.07 -16.35
N TYR B 167 21.14 16.78 -15.78
CA TYR B 167 21.12 18.23 -15.92
C TYR B 167 22.21 18.85 -15.03
N PRO B 168 22.49 20.14 -15.23
CA PRO B 168 23.47 20.83 -14.38
C PRO B 168 22.99 21.03 -12.95
N ALA B 169 23.96 21.17 -12.05
CA ALA B 169 23.66 21.30 -10.64
C ALA B 169 22.81 22.54 -10.40
N PRO B 170 21.87 22.48 -9.47
CA PRO B 170 21.09 23.68 -9.15
C PRO B 170 22.00 24.83 -8.81
N PRO B 171 21.57 26.06 -9.10
CA PRO B 171 22.42 27.22 -8.78
C PRO B 171 22.77 27.34 -7.32
N PHE B 172 21.89 26.92 -6.40
CA PHE B 172 22.08 27.16 -4.97
C PHE B 172 22.89 26.07 -4.30
N ALA B 173 23.79 25.41 -5.02
CA ALA B 173 24.40 24.21 -4.52
C ALA B 173 25.92 24.30 -4.62
N GLU B 174 26.59 23.55 -3.74
CA GLU B 174 28.04 23.43 -3.72
C GLU B 174 28.41 21.95 -3.84
N PRO B 175 28.30 21.39 -5.06
CA PRO B 175 28.46 19.94 -5.22
C PRO B 175 29.79 19.39 -4.76
N LYS B 176 30.90 20.11 -5.02
CA LYS B 176 32.21 19.59 -4.66
C LYS B 176 32.35 19.30 -3.16
N GLY B 177 31.40 19.76 -2.33
CA GLY B 177 31.39 19.46 -0.91
C GLY B 177 32.51 20.08 -0.11
N LEU B 178 32.41 20.03 1.22
CA LEU B 178 33.49 20.45 2.10
C LEU B 178 34.73 19.86 1.43
N THR B 179 35.66 20.72 1.02
CA THR B 179 36.90 20.29 0.37
C THR B 179 38.02 20.61 1.34
N GLY B 180 37.83 21.57 2.24
CA GLY B 180 38.88 21.92 3.16
C GLY B 180 38.58 21.54 4.60
N GLU B 181 37.68 20.60 4.82
CA GLU B 181 37.33 20.17 6.18
C GLU B 181 38.22 19.01 6.60
N GLY B 182 39.54 19.27 6.57
CA GLY B 182 40.53 18.29 6.92
C GLY B 182 40.28 16.95 6.26
N VAL B 183 39.99 15.93 7.07
CA VAL B 183 39.73 14.58 6.61
C VAL B 183 39.22 13.87 7.85
N ASP B 184 39.43 12.57 7.94
CA ASP B 184 38.92 11.76 9.04
C ASP B 184 39.58 12.01 10.41
N GLN B 185 39.25 11.18 11.39
CA GLN B 185 39.77 11.39 12.75
C GLN B 185 39.93 10.03 13.44
N ASP B 186 39.43 9.92 14.68
CA ASP B 186 39.51 8.64 15.43
C ASP B 186 38.19 8.46 16.18
N ALA B 187 37.24 9.36 15.96
CA ALA B 187 35.82 9.08 16.26
C ALA B 187 35.42 7.77 15.59
N ARG B 188 35.87 7.57 14.36
CA ARG B 188 35.59 6.30 13.65
C ARG B 188 35.62 5.18 14.70
N GLY B 189 34.49 4.50 14.89
CA GLY B 189 34.42 3.40 15.87
C GLY B 189 32.99 2.97 16.11
N ASP B 190 32.79 2.06 17.07
CA ASP B 190 31.46 1.58 17.39
C ASP B 190 31.00 2.18 18.72
N ALA B 191 29.69 2.21 18.91
CA ALA B 191 29.09 2.68 20.14
C ALA B 191 28.19 1.59 20.68
N THR B 192 28.43 1.17 21.91
CA THR B 192 27.61 0.12 22.52
C THR B 192 26.47 0.70 23.32
N ILE B 193 25.32 0.90 22.66
CA ILE B 193 24.14 1.41 23.35
C ILE B 193 23.73 0.45 24.46
N PRO B 194 23.57 0.92 25.69
CA PRO B 194 23.18 0.03 26.79
C PRO B 194 21.71 -0.36 26.69
N ALA B 195 21.40 -1.53 27.25
CA ALA B 195 20.01 -1.97 27.22
C ALA B 195 19.15 -1.12 28.17
N GLY B 196 17.84 -1.31 28.07
CA GLY B 196 16.91 -0.54 28.86
C GLY B 196 15.63 -0.22 28.12
N ARG B 197 14.73 0.48 28.79
CA ARG B 197 13.49 0.92 28.17
C ARG B 197 13.71 2.32 27.61
N TYR B 198 13.41 2.49 26.33
CA TYR B 198 13.54 3.78 25.67
C TYR B 198 12.17 4.18 25.11
N LEU B 199 12.07 5.41 24.62
CA LEU B 199 10.83 5.96 24.11
C LEU B 199 10.99 6.31 22.64
N ILE B 200 10.04 5.88 21.81
CA ILE B 200 10.13 6.03 20.36
C ILE B 200 8.91 6.80 19.90
N GLY B 201 9.10 7.68 18.93
CA GLY B 201 8.01 8.35 18.26
C GLY B 201 7.46 9.56 19.02
N LEU B 202 6.44 10.18 18.43
CA LEU B 202 5.81 11.39 18.94
C LEU B 202 4.41 11.11 19.49
N PRO B 203 3.91 11.91 20.42
CA PRO B 203 2.55 11.68 20.94
C PRO B 203 1.52 11.91 19.85
N ALA B 204 0.33 11.34 20.07
CA ALA B 204 -0.74 11.51 19.10
C ALA B 204 -1.25 12.95 19.13
N ASN B 205 -1.56 13.47 17.94
CA ASN B 205 -2.08 14.83 17.87
C ASN B 205 -3.30 15.03 18.78
N ARG B 206 -4.05 13.96 19.12
CA ARG B 206 -5.24 14.06 19.97
C ARG B 206 -4.93 14.04 21.47
N ASP B 207 -3.70 13.73 21.88
CA ASP B 207 -3.35 13.68 23.30
C ASP B 207 -2.31 14.71 23.69
N SER B 208 -2.09 15.73 22.85
CA SER B 208 -1.13 16.80 23.13
C SER B 208 -1.63 18.11 22.54
N ASP B 209 -1.50 19.18 23.33
CA ASP B 209 -1.85 20.52 22.89
C ASP B 209 -0.74 21.19 22.10
N ALA B 210 0.51 20.68 22.21
CA ALA B 210 1.58 21.08 21.31
C ALA B 210 1.54 20.34 19.98
N TYR B 211 0.39 19.73 19.63
CA TYR B 211 0.30 18.97 18.39
C TYR B 211 0.69 19.78 17.17
N ALA B 212 0.54 21.11 17.21
CA ALA B 212 0.91 22.00 16.12
C ALA B 212 2.26 22.67 16.32
N THR B 213 2.84 22.52 17.51
CA THR B 213 4.09 23.16 17.85
C THR B 213 5.13 22.08 18.11
N GLU B 214 5.39 21.73 19.39
CA GLU B 214 6.55 20.91 19.72
C GLU B 214 6.30 19.45 19.37
N ASP B 215 5.10 18.96 19.68
CA ASP B 215 4.67 17.61 19.33
C ASP B 215 4.04 17.62 17.94
N PHE B 216 4.74 18.18 16.96
CA PHE B 216 4.26 18.18 15.58
C PHE B 216 4.96 17.02 14.88
N GLY B 217 4.18 16.20 14.18
CA GLY B 217 4.77 15.19 13.33
C GLY B 217 3.72 14.62 12.39
N PHE B 218 4.21 13.96 11.34
CA PHE B 218 3.33 13.26 10.41
C PHE B 218 2.78 11.99 11.06
N ASP B 219 1.78 11.39 10.40
CA ASP B 219 1.07 10.28 11.05
C ASP B 219 2.02 9.12 11.31
N ASN B 220 3.03 8.93 10.45
CA ASN B 220 3.88 7.73 10.54
C ASN B 220 4.74 7.73 11.80
N GLU B 221 4.83 8.85 12.52
CA GLU B 221 5.58 8.97 13.75
C GLU B 221 4.72 8.82 15.00
N LYS B 222 3.40 8.75 14.86
CA LYS B 222 2.50 8.72 15.98
C LYS B 222 1.60 7.50 15.86
N PRO B 223 1.15 6.92 16.97
CA PRO B 223 1.38 7.32 18.37
C PRO B 223 2.80 6.96 18.86
N ALA B 224 3.14 7.21 20.12
CA ALA B 224 4.47 6.97 20.67
C ALA B 224 4.40 5.84 21.68
N PHE B 225 5.54 5.17 21.90
CA PHE B 225 5.56 3.93 22.67
C PHE B 225 6.93 3.75 23.31
N GLU B 226 6.97 2.88 24.32
CA GLU B 226 8.21 2.53 25.01
C GLU B 226 8.60 1.12 24.57
N VAL B 227 9.90 0.86 24.52
CA VAL B 227 10.40 -0.42 24.00
C VAL B 227 11.58 -0.89 24.85
N ASP B 228 11.58 -2.17 25.18
CA ASP B 228 12.72 -2.77 25.87
C ASP B 228 13.77 -3.14 24.83
N MET B 229 14.83 -2.36 24.78
CA MET B 229 15.80 -2.60 23.72
C MET B 229 16.98 -3.39 24.23
N PRO B 230 17.33 -4.50 23.59
CA PRO B 230 18.58 -5.20 23.92
C PRO B 230 19.79 -4.38 23.50
N GLU B 231 20.89 -4.61 24.21
CA GLU B 231 22.14 -3.90 23.94
C GLU B 231 22.64 -4.15 22.53
N PHE B 232 23.17 -3.11 21.90
CA PHE B 232 23.67 -3.26 20.53
C PHE B 232 24.80 -2.26 20.30
N SER B 233 25.68 -2.61 19.36
CA SER B 233 26.80 -1.74 19.00
C SER B 233 26.64 -1.26 17.57
N ILE B 234 26.56 0.05 17.40
CA ILE B 234 26.41 0.69 16.09
C ILE B 234 27.65 1.54 15.81
N SER B 235 27.97 1.68 14.53
CA SER B 235 29.12 2.48 14.11
C SER B 235 28.85 3.97 14.24
N ARG B 236 29.84 4.72 14.73
CA ARG B 236 29.73 6.17 14.83
C ARG B 236 29.78 6.86 13.48
N THR B 237 30.30 6.20 12.44
CA THR B 237 30.42 6.77 11.11
C THR B 237 29.65 5.98 10.06
N LEU B 238 29.18 6.70 9.04
CA LEU B 238 28.61 6.07 7.87
C LEU B 238 29.66 5.30 7.11
N VAL B 239 29.21 4.40 6.25
CA VAL B 239 30.12 3.59 5.49
C VAL B 239 30.79 4.46 4.43
N THR B 240 32.11 4.38 4.35
CA THR B 240 32.90 5.21 3.46
C THR B 240 33.02 4.59 2.07
N ASN B 241 33.17 5.45 1.06
CA ASN B 241 33.42 4.96 -0.29
C ASN B 241 34.55 3.94 -0.29
N GLY B 242 35.58 4.20 0.50
CA GLY B 242 36.76 3.35 0.44
C GLY B 242 36.50 1.95 0.92
N GLU B 243 35.65 1.83 1.95
CA GLU B 243 35.20 0.52 2.40
C GLU B 243 34.43 -0.20 1.30
N PHE B 244 33.36 0.43 0.81
CA PHE B 244 32.58 -0.18 -0.27
C PHE B 244 33.46 -0.55 -1.47
N GLN B 245 34.53 0.22 -1.72
CA GLN B 245 35.39 -0.06 -2.85
C GLN B 245 35.98 -1.47 -2.83
N LYS B 246 36.33 -1.96 -1.64
CA LYS B 246 36.87 -3.30 -1.51
C LYS B 246 35.84 -4.36 -1.90
N PHE B 247 34.65 -4.28 -1.30
CA PHE B 247 33.56 -5.18 -1.68
C PHE B 247 33.38 -5.20 -3.19
N VAL B 248 33.50 -4.05 -3.84
CA VAL B 248 33.37 -4.01 -5.29
C VAL B 248 34.55 -4.74 -5.94
N GLU B 249 35.78 -4.33 -5.63
CA GLU B 249 36.99 -4.82 -6.29
C GLU B 249 37.34 -6.27 -6.01
N GLU B 250 36.66 -6.95 -5.09
CA GLU B 250 37.00 -8.33 -4.74
C GLU B 250 35.95 -9.32 -5.22
N GLY B 251 34.91 -8.87 -5.89
CA GLY B 251 33.95 -9.72 -6.54
C GLY B 251 32.56 -9.78 -5.95
N GLY B 252 32.13 -8.76 -5.22
CA GLY B 252 30.91 -8.88 -4.45
C GLY B 252 29.66 -9.02 -5.32
N TYR B 253 29.55 -8.19 -6.34
CA TYR B 253 28.37 -8.25 -7.19
C TYR B 253 28.34 -9.50 -8.05
N GLU B 254 29.34 -10.36 -7.93
CA GLU B 254 29.41 -11.62 -8.67
C GLU B 254 29.55 -12.83 -7.74
N ARG B 255 29.32 -12.64 -6.44
CA ARG B 255 29.40 -13.71 -5.43
C ARG B 255 28.06 -13.73 -4.71
N PRO B 256 27.11 -14.54 -5.18
CA PRO B 256 25.74 -14.44 -4.66
C PRO B 256 25.63 -14.84 -3.20
N GLU B 257 26.65 -15.48 -2.63
CA GLU B 257 26.61 -15.87 -1.23
C GLU B 257 26.27 -14.71 -0.30
N PHE B 258 26.50 -13.46 -0.70
CA PHE B 258 26.19 -12.31 0.14
C PHE B 258 24.84 -11.69 -0.16
N TRP B 259 24.12 -12.14 -1.20
CA TRP B 259 22.91 -11.49 -1.66
C TRP B 259 21.68 -12.34 -1.32
N SER B 260 20.60 -11.66 -0.93
CA SER B 260 19.35 -12.31 -0.58
C SER B 260 18.56 -12.63 -1.86
N GLN B 261 17.35 -13.19 -1.70
CA GLN B 261 16.53 -13.48 -2.86
C GLN B 261 16.25 -12.22 -3.66
N GLY B 262 15.70 -11.20 -3.00
CA GLY B 262 15.45 -9.94 -3.69
C GLY B 262 16.73 -9.39 -4.31
N GLY B 263 17.83 -9.46 -3.57
CA GLY B 263 19.09 -8.94 -4.09
C GLY B 263 19.53 -9.67 -5.35
N ARG B 264 19.35 -10.98 -5.38
CA ARG B 264 19.78 -11.75 -6.55
C ARG B 264 18.94 -11.41 -7.77
N LYS B 265 17.64 -11.26 -7.59
CA LYS B 265 16.80 -10.84 -8.71
C LYS B 265 17.25 -9.46 -9.19
N TRP B 266 17.48 -8.55 -8.26
CA TRP B 266 17.89 -7.18 -8.60
C TRP B 266 19.20 -7.19 -9.36
N LEU B 267 20.12 -8.07 -8.96
CA LEU B 267 21.41 -8.17 -9.61
C LEU B 267 21.27 -8.68 -11.04
N GLU B 268 20.21 -9.44 -11.34
CA GLU B 268 19.96 -9.99 -12.67
C GLU B 268 19.20 -9.06 -13.61
N ARG B 269 18.65 -7.96 -13.10
CA ARG B 269 17.90 -7.04 -13.95
C ARG B 269 18.85 -6.36 -14.95
N GLU B 270 18.29 -6.02 -16.12
CA GLU B 270 19.03 -5.42 -17.23
C GLU B 270 18.57 -3.98 -17.40
N ILE B 271 19.51 -3.04 -17.30
CA ILE B 271 19.21 -1.61 -17.30
C ILE B 271 20.18 -0.88 -18.21
N ASN B 272 19.85 0.38 -18.51
CA ASN B 272 20.75 1.25 -19.26
C ASN B 272 21.79 1.81 -18.30
N LEU B 273 23.00 1.25 -18.35
CA LEU B 273 24.07 1.65 -17.45
C LEU B 273 24.68 3.01 -17.81
N ASN B 274 24.16 3.68 -18.85
CA ASN B 274 24.66 4.96 -19.32
C ASN B 274 23.63 6.09 -19.16
N PHE B 275 22.45 5.78 -18.62
CA PHE B 275 21.40 6.78 -18.48
C PHE B 275 21.91 7.92 -17.62
N GLY B 276 21.70 9.16 -18.10
CA GLY B 276 22.15 10.35 -17.41
C GLY B 276 23.53 10.85 -17.80
N SER B 277 24.34 10.02 -18.45
CA SER B 277 25.65 10.41 -18.91
C SER B 277 25.62 11.02 -20.32
N GLY B 278 24.45 11.30 -20.85
CA GLY B 278 24.29 11.75 -22.22
C GLY B 278 25.06 10.92 -23.25
N GLU B 279 24.99 9.61 -23.16
CA GLU B 279 25.77 8.73 -24.02
C GLU B 279 24.84 7.72 -24.67
N PRO B 280 25.32 7.03 -25.71
CA PRO B 280 24.57 5.93 -26.32
C PRO B 280 24.08 4.96 -25.28
N PRO B 281 22.84 4.48 -25.40
CA PRO B 281 22.35 3.46 -24.46
C PRO B 281 23.23 2.22 -24.45
N LEU B 282 23.44 1.67 -23.26
CA LEU B 282 24.23 0.44 -23.07
C LEU B 282 23.52 -0.41 -22.01
N MET B 283 22.82 -1.46 -22.45
CA MET B 283 22.03 -2.29 -21.56
C MET B 283 22.89 -3.41 -20.96
N GLY B 284 22.62 -3.73 -19.70
CA GLY B 284 23.40 -4.74 -19.03
C GLY B 284 23.05 -4.83 -17.56
N ARG B 285 23.82 -5.64 -16.84
CA ARG B 285 23.65 -5.80 -15.40
C ARG B 285 24.76 -5.06 -14.64
N GLN B 286 24.43 -4.73 -13.39
CA GLN B 286 25.28 -3.89 -12.53
C GLN B 286 26.40 -4.67 -11.84
N THR B 287 27.61 -4.10 -11.86
CA THR B 287 28.75 -4.67 -11.14
C THR B 287 29.38 -3.70 -10.15
N HIS B 288 28.73 -2.58 -9.86
CA HIS B 288 29.21 -1.53 -8.97
C HIS B 288 28.08 -0.51 -8.80
N PRO B 289 28.17 0.40 -7.83
CA PRO B 289 27.07 1.35 -7.63
C PRO B 289 26.82 2.11 -8.93
N PHE B 290 25.56 2.50 -9.15
CA PHE B 290 25.17 2.95 -10.48
C PHE B 290 25.97 4.16 -10.93
N HIS B 291 26.16 5.14 -10.03
CA HIS B 291 26.79 6.40 -10.39
C HIS B 291 28.32 6.36 -10.32
N TRP B 292 28.94 5.19 -10.44
CA TRP B 292 30.39 5.06 -10.34
C TRP B 292 30.95 4.65 -11.70
N ARG B 293 32.27 4.78 -11.84
CA ARG B 293 32.98 4.36 -13.04
C ARG B 293 34.47 4.25 -12.73
N LYS B 294 35.11 3.20 -13.22
CA LYS B 294 36.55 3.00 -13.05
C LYS B 294 37.20 3.21 -14.42
N ARG B 295 37.76 4.40 -14.62
CA ARG B 295 38.48 4.76 -15.84
C ARG B 295 39.98 4.65 -15.57
N ASP B 296 40.66 3.83 -16.37
CA ASP B 296 42.10 3.62 -16.30
C ASP B 296 42.59 3.50 -14.85
N GLY B 297 41.87 2.70 -14.07
CA GLY B 297 42.29 2.34 -12.74
C GLY B 297 41.77 3.23 -11.64
N ARG B 298 41.23 4.41 -11.97
CA ARG B 298 40.77 5.39 -10.98
C ARG B 298 39.25 5.47 -10.99
N TRP B 299 38.66 5.44 -9.79
CA TRP B 299 37.22 5.44 -9.61
C TRP B 299 36.71 6.87 -9.66
N TYR B 300 35.60 7.05 -10.38
CA TYR B 300 34.98 8.35 -10.53
C TYR B 300 33.49 8.23 -10.26
N GLU B 301 32.87 9.37 -9.96
CA GLU B 301 31.45 9.43 -9.62
C GLU B 301 30.83 10.63 -10.33
N ARG B 302 29.68 10.42 -10.96
CA ARG B 302 29.02 11.49 -11.68
C ARG B 302 28.35 12.44 -10.70
N VAL B 303 28.69 13.72 -10.76
CA VAL B 303 28.11 14.74 -9.90
C VAL B 303 27.36 15.71 -10.81
N PHE B 304 26.06 15.45 -10.96
CA PHE B 304 25.17 16.18 -11.87
C PHE B 304 25.71 16.15 -13.29
N ASP B 305 26.07 17.31 -13.83
CA ASP B 305 26.52 17.40 -15.21
C ASP B 305 28.03 17.15 -15.37
N GLN B 306 28.68 16.55 -14.38
CA GLN B 306 30.14 16.39 -14.38
C GLN B 306 30.55 15.14 -13.61
N TRP B 307 31.66 14.55 -14.06
CA TRP B 307 32.23 13.34 -13.48
C TRP B 307 33.47 13.74 -12.68
N LEU B 308 33.44 13.50 -11.37
CA LEU B 308 34.51 13.85 -10.45
C LEU B 308 35.08 12.61 -9.74
N PRO B 309 36.31 12.68 -9.23
CA PRO B 309 36.90 11.50 -8.61
C PRO B 309 36.23 11.10 -7.30
N LEU B 310 36.43 9.83 -6.96
CA LEU B 310 35.83 9.21 -5.79
C LEU B 310 36.72 9.45 -4.58
N GLU B 311 36.21 10.24 -3.63
CA GLU B 311 36.97 10.55 -2.43
C GLU B 311 36.88 9.40 -1.43
N PRO B 312 38.01 8.80 -1.04
CA PRO B 312 37.95 7.61 -0.19
C PRO B 312 37.21 7.79 1.13
N GLY B 313 37.22 8.98 1.72
CA GLY B 313 36.61 9.21 3.02
C GLY B 313 35.18 9.72 3.00
N HIS B 314 34.63 9.93 1.82
CA HIS B 314 33.28 10.43 1.64
C HIS B 314 32.26 9.28 1.74
N PRO B 315 31.05 9.55 2.22
CA PRO B 315 30.11 8.46 2.44
C PRO B 315 29.63 7.90 1.11
N VAL B 316 29.36 6.60 1.11
CA VAL B 316 28.80 5.95 -0.07
C VAL B 316 27.32 6.32 -0.16
N LYS B 317 26.87 6.70 -1.35
CA LYS B 317 25.50 7.19 -1.52
C LYS B 317 24.93 6.68 -2.84
N GLN B 318 23.61 6.83 -2.99
CA GLN B 318 22.88 6.44 -4.20
C GLN B 318 23.05 4.95 -4.46
N ILE B 319 22.81 4.17 -3.41
CA ILE B 319 22.87 2.72 -3.42
C ILE B 319 21.51 2.17 -2.95
N SER B 320 21.33 0.90 -3.20
CA SER B 320 20.06 0.21 -2.99
C SER B 320 20.10 -0.56 -1.67
N TYR B 321 18.92 -0.98 -1.22
CA TYR B 321 18.86 -1.81 -0.01
C TYR B 321 19.64 -3.11 -0.21
N TRP B 322 19.62 -3.66 -1.42
CA TRP B 322 20.34 -4.91 -1.69
C TRP B 322 21.85 -4.69 -1.63
N GLU B 323 22.33 -3.56 -2.15
CA GLU B 323 23.76 -3.29 -2.12
C GLU B 323 24.27 -3.13 -0.69
N ALA B 324 23.47 -2.48 0.17
CA ALA B 324 23.81 -2.38 1.59
C ALA B 324 23.75 -3.74 2.30
N GLU B 325 22.69 -4.52 2.03
CA GLU B 325 22.61 -5.89 2.55
C GLU B 325 23.86 -6.69 2.23
N ALA B 326 24.25 -6.71 0.96
CA ALA B 326 25.33 -7.60 0.57
C ALA B 326 26.65 -7.16 1.20
N PHE B 327 26.85 -5.85 1.36
CA PHE B 327 28.03 -5.38 2.08
C PHE B 327 28.04 -5.87 3.53
N CYS B 328 26.98 -5.60 4.30
CA CYS B 328 26.96 -6.05 5.69
C CYS B 328 27.27 -7.53 5.79
N ALA B 329 26.70 -8.31 4.87
CA ALA B 329 26.97 -9.74 4.82
C ALA B 329 28.45 -10.02 4.66
N TRP B 330 29.04 -9.51 3.57
CA TRP B 330 30.46 -9.68 3.33
C TRP B 330 31.27 -9.14 4.49
N ALA B 331 30.79 -8.05 5.10
CA ALA B 331 31.48 -7.38 6.18
C ALA B 331 31.39 -8.09 7.52
N GLY B 332 30.48 -9.04 7.70
CA GLY B 332 30.27 -9.55 9.04
C GLY B 332 29.50 -8.61 9.95
N ARG B 333 28.60 -7.79 9.39
CA ARG B 333 27.85 -6.81 10.16
C ARG B 333 26.38 -6.90 9.74
N ARG B 334 25.52 -6.04 10.28
CA ARG B 334 24.09 -6.00 9.93
C ARG B 334 23.57 -4.58 9.94
N LEU B 335 22.45 -4.39 9.25
CA LEU B 335 21.82 -3.09 9.21
C LEU B 335 21.07 -2.85 10.53
N PRO B 336 20.87 -1.61 10.96
CA PRO B 336 20.14 -1.38 12.20
C PRO B 336 18.63 -1.39 12.00
N SER B 337 17.88 -1.75 13.04
CA SER B 337 16.42 -1.63 12.97
C SER B 337 16.06 -0.15 13.18
N GLU B 338 14.91 0.25 12.64
CA GLU B 338 14.59 1.67 12.74
C GLU B 338 14.50 2.10 14.21
N TYR B 339 14.10 1.19 15.08
CA TYR B 339 14.02 1.49 16.52
C TYR B 339 15.40 1.60 17.18
N GLU B 340 16.33 0.69 16.83
CA GLU B 340 17.72 0.83 17.25
C GLU B 340 18.32 2.15 16.78
N TRP B 341 18.03 2.53 15.54
CA TRP B 341 18.52 3.79 14.99
C TRP B 341 18.08 4.99 15.84
N GLU B 342 16.79 5.07 16.16
CA GLU B 342 16.26 6.19 16.94
C GLU B 342 16.91 6.27 18.33
N VAL B 343 17.06 5.13 18.99
CA VAL B 343 17.72 5.13 20.29
C VAL B 343 19.13 5.68 20.18
N ALA B 344 19.89 5.21 19.19
CA ALA B 344 21.27 5.66 19.04
C ALA B 344 21.38 7.14 18.63
N ALA B 345 20.29 7.79 18.23
CA ALA B 345 20.37 9.16 17.75
C ALA B 345 19.80 10.19 18.72
N LEU B 346 18.74 9.83 19.44
CA LEU B 346 18.09 10.72 20.39
C LEU B 346 18.23 10.27 21.83
N ALA B 347 18.31 8.96 22.11
CA ALA B 347 18.45 8.41 23.46
C ALA B 347 17.31 8.80 24.38
N ASN B 348 16.14 9.13 23.83
CA ASN B 348 15.01 9.57 24.65
C ASN B 348 14.48 8.38 25.45
N LYS B 349 14.74 8.39 26.72
CA LYS B 349 14.18 7.42 27.64
C LYS B 349 12.89 7.97 28.24
N PRO B 350 11.95 7.11 28.59
CA PRO B 350 10.65 7.61 29.06
C PRO B 350 10.75 8.13 30.48
N GLY B 351 9.93 9.14 30.76
CA GLY B 351 9.91 9.78 32.04
C GLY B 351 10.92 10.90 32.20
N GLU B 352 11.93 11.00 31.33
CA GLU B 352 12.99 11.99 31.37
C GLU B 352 12.75 13.07 30.30
N GLU B 353 13.82 13.77 29.93
CA GLU B 353 13.74 14.80 28.91
C GLU B 353 13.78 14.19 27.52
N ARG B 354 13.28 14.93 26.54
CA ARG B 354 13.14 14.45 25.17
C ARG B 354 13.80 15.46 24.23
N ARG B 355 14.75 14.98 23.44
CA ARG B 355 15.37 15.78 22.41
C ARG B 355 14.80 15.35 21.05
N ARG B 356 14.68 16.32 20.14
CA ARG B 356 14.19 16.04 18.80
C ARG B 356 15.32 15.97 17.79
N TYR B 357 16.47 16.47 18.14
CA TYR B 357 17.67 16.41 17.34
C TYR B 357 18.75 15.70 18.14
N PRO B 358 19.76 15.10 17.49
CA PRO B 358 20.85 14.48 18.27
C PRO B 358 21.56 15.45 19.19
N TRP B 359 21.69 16.75 18.80
CA TRP B 359 22.34 17.77 19.62
C TRP B 359 21.40 18.32 20.69
N GLY B 360 20.15 18.65 20.33
CA GLY B 360 19.16 19.04 21.32
C GLY B 360 17.74 19.18 20.81
N ASN B 361 17.14 20.37 20.99
CA ASN B 361 15.81 20.68 20.47
C ASN B 361 15.79 21.95 19.64
N GLU B 362 16.94 22.45 19.20
CA GLU B 362 17.02 23.68 18.42
C GLU B 362 17.84 23.44 17.17
N MET B 363 17.34 23.92 16.04
CA MET B 363 17.90 23.60 14.73
C MET B 363 18.94 24.64 14.30
N ASP B 364 20.16 24.17 14.02
CA ASP B 364 21.23 25.04 13.52
C ASP B 364 21.71 24.49 12.19
N PRO B 365 21.27 25.08 11.05
CA PRO B 365 21.55 24.50 9.73
C PRO B 365 22.98 24.01 9.56
N ALA B 366 23.96 24.66 10.18
CA ALA B 366 25.35 24.27 10.04
C ALA B 366 25.87 23.13 10.89
N LYS B 367 24.96 22.29 11.42
CA LYS B 367 25.32 21.09 12.16
C LYS B 367 25.09 19.80 11.37
N LEU B 368 24.79 19.90 10.07
CA LEU B 368 24.39 18.77 9.25
C LEU B 368 24.46 19.17 7.78
N ASP B 369 24.60 18.19 6.88
CA ASP B 369 24.57 18.41 5.43
C ASP B 369 23.16 18.25 4.90
N MET B 370 22.46 19.37 4.78
CA MET B 370 21.10 19.39 4.28
C MET B 370 20.91 20.66 3.46
N ASP B 371 19.66 21.10 3.35
CA ASP B 371 19.32 22.35 2.67
C ASP B 371 20.10 22.55 1.37
N GLN B 372 20.27 21.48 0.58
CA GLN B 372 20.77 21.58 -0.79
C GLN B 372 22.11 22.23 -1.09
N ARG B 373 23.13 21.84 -0.34
CA ARG B 373 24.43 22.48 -0.45
C ARG B 373 25.60 21.57 -0.79
N TYR B 374 26.22 20.96 0.22
CA TYR B 374 27.40 20.15 -0.03
C TYR B 374 27.11 18.85 -0.77
N MET B 375 25.84 18.43 -0.86
CA MET B 375 25.44 17.31 -1.72
C MET B 375 26.18 16.02 -1.33
N GLY B 376 26.27 15.80 -0.02
CA GLY B 376 26.85 14.59 0.55
C GLY B 376 28.30 14.30 0.23
N ARG B 377 29.06 15.28 -0.27
CA ARG B 377 30.50 15.13 -0.45
C ARG B 377 31.23 15.75 0.75
N VAL B 378 30.96 15.20 1.92
CA VAL B 378 31.52 15.69 3.18
C VAL B 378 32.14 14.51 3.91
N PRO B 379 33.25 14.69 4.63
CA PRO B 379 33.89 13.53 5.29
C PRO B 379 33.00 12.92 6.36
N VAL B 380 33.07 11.59 6.47
CA VAL B 380 32.14 10.88 7.34
C VAL B 380 32.32 11.22 8.81
N THR B 381 33.44 11.84 9.19
CA THR B 381 33.73 12.20 10.58
C THR B 381 33.46 13.67 10.88
N ALA B 382 33.00 14.44 9.89
CA ALA B 382 32.71 15.85 10.05
C ALA B 382 31.42 16.10 10.83
N PHE B 383 31.04 17.39 10.95
CA PHE B 383 29.87 17.85 11.69
C PHE B 383 29.92 17.33 13.13
N PRO B 384 30.98 17.65 13.87
CA PRO B 384 31.11 17.11 15.23
C PRO B 384 30.07 17.66 16.18
N ALA B 385 29.58 18.88 15.93
CA ALA B 385 28.51 19.42 16.75
C ALA B 385 27.24 18.59 16.63
N GLY B 386 26.95 18.11 15.42
CA GLY B 386 25.85 17.20 15.18
C GLY B 386 26.21 15.78 15.54
N GLU B 387 26.14 15.46 16.83
CA GLU B 387 26.59 14.19 17.35
C GLU B 387 25.49 13.64 18.26
N SER B 388 25.39 12.32 18.32
CA SER B 388 24.39 11.76 19.22
C SER B 388 24.99 11.57 20.60
N PRO B 389 24.15 11.45 21.60
CA PRO B 389 24.63 11.22 22.96
C PRO B 389 25.52 10.00 23.07
N PHE B 390 25.47 9.11 22.08
CA PHE B 390 26.35 7.94 22.09
C PHE B 390 27.59 8.08 21.21
N GLY B 391 27.79 9.21 20.53
CA GLY B 391 28.96 9.40 19.72
C GLY B 391 28.78 9.22 18.22
N CYS B 392 27.55 8.98 17.75
CA CYS B 392 27.31 8.72 16.33
C CYS B 392 27.25 10.03 15.56
N ARG B 393 28.09 10.15 14.54
CA ARG B 393 28.22 11.40 13.80
C ARG B 393 27.37 11.34 12.54
N GLN B 394 26.83 12.50 12.17
CA GLN B 394 26.09 12.67 10.91
C GLN B 394 24.86 11.75 10.82
N MET B 395 24.18 11.54 11.94
CA MET B 395 22.95 10.75 11.88
C MET B 395 21.93 11.46 11.01
N LEU B 396 21.67 12.71 11.35
CA LEU B 396 20.80 13.57 10.58
C LEU B 396 21.59 14.25 9.48
N GLY B 397 21.04 14.24 8.27
CA GLY B 397 21.70 14.86 7.15
C GLY B 397 22.62 13.93 6.41
N THR B 398 23.30 14.52 5.43
CA THR B 398 24.21 13.84 4.52
C THR B 398 23.19 12.94 3.83
N VAL B 399 23.32 11.61 4.00
CA VAL B 399 22.39 10.68 3.39
C VAL B 399 21.25 10.11 4.25
N TRP B 400 20.12 9.83 3.59
CA TRP B 400 19.03 9.09 4.20
C TRP B 400 19.49 7.66 4.45
N GLU B 401 19.40 7.19 5.69
CA GLU B 401 19.97 5.91 6.09
C GLU B 401 18.97 4.76 5.94
N TRP B 402 19.40 3.69 5.25
CA TRP B 402 18.59 2.48 5.11
C TRP B 402 18.41 1.82 6.47
N THR B 403 17.21 1.35 6.76
CA THR B 403 17.04 0.48 7.90
C THR B 403 16.48 -0.86 7.49
N GLY B 404 16.56 -1.81 8.41
CA GLY B 404 16.14 -3.15 8.13
C GLY B 404 14.66 -3.41 8.25
N ASN B 405 13.84 -2.39 8.49
CA ASN B 405 12.41 -2.59 8.70
C ASN B 405 11.61 -2.22 7.45
N GLN B 406 10.40 -2.76 7.37
CA GLN B 406 9.49 -2.39 6.32
C GLN B 406 8.60 -1.26 6.83
N PHE B 407 8.34 -0.29 5.96
CA PHE B 407 7.54 0.84 6.41
C PHE B 407 6.17 0.31 6.81
N MET B 408 5.87 0.33 8.10
CA MET B 408 4.62 -0.21 8.62
C MET B 408 4.03 0.76 9.62
N PRO B 409 2.74 0.65 9.91
CA PRO B 409 2.12 1.59 10.85
C PRO B 409 2.39 1.23 12.31
N TYR B 410 2.54 2.28 13.13
CA TYR B 410 2.74 2.12 14.58
C TYR B 410 1.43 1.65 15.17
N ASP B 411 1.51 0.77 16.17
CA ASP B 411 0.29 0.23 16.76
C ASP B 411 -0.56 1.36 17.32
N GLY B 412 -1.74 1.59 16.73
CA GLY B 412 -2.57 2.74 17.05
C GLY B 412 -2.61 3.86 16.01
N PHE B 413 -2.03 3.64 14.82
CA PHE B 413 -1.97 4.60 13.72
C PHE B 413 -3.31 5.32 13.49
N SER B 414 -3.23 6.60 13.14
CA SER B 414 -4.39 7.39 12.78
C SER B 414 -4.00 8.30 11.64
N VAL B 415 -4.86 8.40 10.63
CA VAL B 415 -4.46 9.10 9.41
C VAL B 415 -4.38 10.61 9.67
N ASP B 416 -3.57 11.27 8.86
CA ASP B 416 -3.54 12.73 8.90
C ASP B 416 -4.70 13.29 8.09
N MET B 417 -4.81 14.62 8.11
CA MET B 417 -5.78 15.29 7.26
C MET B 417 -5.66 14.84 5.81
N TYR B 418 -4.44 14.55 5.35
CA TYR B 418 -4.13 13.98 4.03
C TYR B 418 -3.74 12.53 4.28
N PRO B 419 -4.65 11.57 4.09
CA PRO B 419 -4.41 10.21 4.58
C PRO B 419 -3.53 9.37 3.66
N PHE B 420 -3.40 9.78 2.39
CA PHE B 420 -2.59 9.08 1.42
C PHE B 420 -1.09 9.34 1.58
N TYR B 421 -0.68 10.18 2.53
CA TYR B 421 0.74 10.49 2.66
C TYR B 421 1.54 9.22 2.94
N SER B 422 1.07 8.41 3.88
CA SER B 422 1.74 7.19 4.28
C SER B 422 1.02 5.90 3.89
N THR B 423 -0.32 5.88 3.84
CA THR B 423 -1.04 4.64 3.59
C THR B 423 -0.73 4.02 2.24
N LEU B 424 -0.05 4.72 1.34
CA LEU B 424 0.19 4.22 -0.01
C LEU B 424 1.56 3.62 -0.19
N GLN B 425 2.42 3.70 0.83
CA GLN B 425 3.79 3.24 0.74
C GLN B 425 4.08 2.12 1.72
N PHE B 426 3.10 1.74 2.52
CA PHE B 426 3.29 0.69 3.49
C PHE B 426 3.72 -0.61 2.80
N ALA B 427 4.42 -1.47 3.56
CA ALA B 427 4.79 -2.83 3.17
C ALA B 427 5.77 -2.90 2.00
N THR B 428 5.47 -2.29 0.84
CA THR B 428 6.38 -2.39 -0.30
C THR B 428 7.68 -1.62 -0.11
N HIS B 429 7.71 -0.61 0.76
CA HIS B 429 8.88 0.25 0.94
C HIS B 429 9.64 -0.14 2.21
N LYS B 430 10.96 0.06 2.19
CA LYS B 430 11.75 -0.07 3.41
C LYS B 430 11.74 1.30 4.12
N THR B 431 11.94 1.31 5.42
CA THR B 431 12.03 2.57 6.16
C THR B 431 13.43 3.19 6.10
N THR B 432 13.49 4.48 5.73
CA THR B 432 14.72 5.25 5.75
C THR B 432 14.60 6.37 6.77
N LYS B 433 15.71 6.66 7.47
CA LYS B 433 15.69 7.59 8.58
C LYS B 433 16.83 8.60 8.45
N GLY B 434 16.65 9.76 9.10
CA GLY B 434 17.67 10.80 9.14
C GLY B 434 17.34 11.99 8.24
N GLY B 435 18.11 12.17 7.17
CA GLY B 435 17.83 13.22 6.21
C GLY B 435 18.90 13.24 5.14
N GLY B 436 18.55 13.69 3.94
CA GLY B 436 19.50 13.65 2.85
C GLY B 436 20.07 15.01 2.49
N CYS B 437 21.21 15.03 1.79
CA CYS B 437 21.82 16.30 1.47
C CYS B 437 20.88 17.16 0.63
N ALA B 438 19.89 16.55 -0.03
CA ALA B 438 18.96 17.24 -0.90
C ALA B 438 17.65 17.60 -0.22
N ALA B 439 17.54 17.39 1.09
CA ALA B 439 16.33 17.72 1.82
C ALA B 439 16.52 18.98 2.66
N SER B 440 15.41 19.48 3.17
CA SER B 440 15.42 20.70 3.97
C SER B 440 15.48 20.36 5.46
N SER B 441 16.05 21.28 6.22
CA SER B 441 16.19 21.08 7.65
C SER B 441 14.94 21.50 8.42
N MET B 442 14.05 22.29 7.83
CA MET B 442 12.86 22.72 8.57
C MET B 442 11.96 21.55 8.96
N LEU B 443 11.99 20.44 8.20
CA LEU B 443 11.17 19.27 8.49
C LEU B 443 11.90 18.12 9.20
N ILE B 444 13.24 18.08 9.15
CA ILE B 444 14.00 16.96 9.71
C ILE B 444 13.71 16.79 11.20
N ARG B 445 13.88 15.56 11.67
CA ARG B 445 13.48 15.18 13.02
C ARG B 445 14.02 13.78 13.29
N GLY B 446 14.30 13.50 14.56
CA GLY B 446 14.74 12.17 14.93
C GLY B 446 13.65 11.11 14.76
N THR B 447 12.39 11.49 14.93
CA THR B 447 11.24 10.61 14.78
C THR B 447 10.79 10.44 13.34
N TYR B 448 11.39 11.20 12.42
CA TYR B 448 10.95 11.18 11.01
C TYR B 448 11.08 9.79 10.42
N ARG B 449 10.18 9.45 9.49
CA ARG B 449 10.22 8.14 8.82
C ARG B 449 9.93 8.35 7.33
N ASN B 450 10.97 8.26 6.48
CA ASN B 450 10.73 8.35 5.02
C ASN B 450 10.56 6.93 4.49
N PHE B 451 10.19 6.79 3.23
CA PHE B 451 9.89 5.44 2.68
C PHE B 451 10.42 5.36 1.25
N TYR B 452 11.30 4.40 0.98
CA TYR B 452 11.84 4.22 -0.40
C TYR B 452 11.74 2.76 -0.80
N HIS B 453 11.59 2.50 -2.10
CA HIS B 453 11.55 1.10 -2.59
C HIS B 453 12.97 0.55 -2.60
N PRO B 454 13.19 -0.68 -2.12
CA PRO B 454 14.54 -1.25 -2.01
C PRO B 454 15.39 -1.20 -3.27
N ASP B 455 14.79 -1.28 -4.46
CA ASP B 455 15.56 -1.41 -5.71
C ASP B 455 16.15 -0.10 -6.21
N ARG B 456 15.93 1.00 -5.49
CA ARG B 456 16.18 2.34 -6.01
C ARG B 456 17.63 2.78 -5.84
N CYS B 457 18.25 3.20 -6.94
CA CYS B 457 19.56 3.86 -6.92
C CYS B 457 19.49 5.34 -7.28
N ASP B 458 18.31 5.96 -7.28
CA ASP B 458 18.18 7.32 -7.77
C ASP B 458 17.99 8.33 -6.66
N VAL B 459 17.52 7.90 -5.49
CA VAL B 459 17.39 8.75 -4.33
C VAL B 459 18.71 8.70 -3.55
N TYR B 460 18.94 9.72 -2.71
CA TYR B 460 20.22 9.91 -1.98
C TYR B 460 20.21 9.12 -0.68
N THR B 461 20.62 7.86 -0.77
CA THR B 461 20.51 6.91 0.31
C THR B 461 21.89 6.35 0.62
N GLY B 462 22.12 6.05 1.90
CA GLY B 462 23.30 5.34 2.37
C GLY B 462 23.04 4.63 3.69
N PHE B 463 24.09 4.18 4.39
CA PHE B 463 23.86 3.32 5.54
C PHE B 463 25.06 3.29 6.49
N ARG B 464 24.78 2.94 7.75
CA ARG B 464 25.79 2.59 8.74
C ARG B 464 25.45 1.20 9.26
N THR B 465 26.47 0.46 9.70
CA THR B 465 26.28 -0.94 10.08
C THR B 465 26.27 -1.10 11.58
N CYS B 466 25.70 -2.22 11.99
CA CYS B 466 25.57 -2.64 13.38
C CYS B 466 26.37 -3.94 13.53
N ALA B 467 26.85 -4.21 14.73
CA ALA B 467 27.58 -5.45 14.98
C ALA B 467 26.65 -6.66 15.07
N LEU B 468 27.14 -7.82 14.62
CA LEU B 468 26.36 -9.05 14.67
C LEU B 468 25.97 -9.39 16.09
N SER B 469 24.70 -9.76 16.28
CA SER B 469 24.17 -10.02 17.63
C SER B 469 24.50 -11.45 18.07
N SER B 470 23.91 -11.85 19.19
CA SER B 470 24.15 -13.18 19.78
C SER B 470 25.49 -13.10 20.49
FE FE C . -2.31 -15.86 0.40
NA NA D . -23.99 -9.27 -0.83
FE FE E . 3.16 15.62 -3.38
NA NA F . 22.05 10.72 7.93
#